data_4V15
#
_entry.id   4V15
#
_cell.length_a   62.267
_cell.length_b   84.278
_cell.length_c   72.852
_cell.angle_alpha   90.00
_cell.angle_beta   111.90
_cell.angle_gamma   90.00
#
_symmetry.space_group_name_H-M   'P 1 21 1'
#
loop_
_entity.id
_entity.type
_entity.pdbx_description
1 polymer 'D-THREONINE ALDOLASE'
2 non-polymer "PYRIDOXAL-5'-PHOSPHATE"
3 non-polymer 'MANGANESE (II) ION'
4 non-polymer 'SODIUM ION'
5 water water
#
_entity_poly.entity_id   1
_entity_poly.type   'polypeptide(L)'
_entity_poly.pdbx_seq_one_letter_code
;MSQEVIRGIALPPAAQPGDPLARVDTPSLVLDLPAFEANLRAMQAWADRHEVALRPHAKAHKCPEIALRQLALGARGICC
QKVSEALPFVAAGIRDIHISNEVVGPAKLALLGQLARAAKISVCVDNAENLAQLSAAMTRAGAEIDVLVEVDVGQGRCGV
SDDATVLALAQQARALPGLNFAGLQAYHGSVQHYRTREERAAVCRQAARIAASYAQLLRESGIACDTITGGGTGSVEFDA
ASGVYTELQAGSYAFMDSDYGANEWNGPLKFQNSLFVLSTVMSTPAPGRVILDAGLKSTTAECGPPAVYGEPGLTYAAIN
DEHGVVRVEPGAQAPALGAVLRLVPSHVDPTFNLHDGLVVVKDGVVQDVWEIAARGFSR
;
_entity_poly.pdbx_strand_id   A,B
#
loop_
_chem_comp.id
_chem_comp.type
_chem_comp.name
_chem_comp.formula
MN non-polymer 'MANGANESE (II) ION' 'Mn 2'
NA non-polymer 'SODIUM ION' 'Na 1'
PLP non-polymer PYRIDOXAL-5'-PHOSPHATE 'C8 H10 N O6 P'
#
# COMPACT_ATOMS: atom_id res chain seq x y z
N ARG A 7 3.13 30.92 9.31
CA ARG A 7 3.58 29.93 10.27
C ARG A 7 3.12 28.53 9.92
N GLY A 8 4.03 27.72 9.38
CA GLY A 8 3.74 26.35 9.01
C GLY A 8 3.18 25.56 10.18
N ILE A 9 2.24 24.66 9.87
CA ILE A 9 1.58 23.87 10.91
C ILE A 9 2.35 22.59 11.19
N ALA A 10 2.80 22.42 12.43
CA ALA A 10 3.57 21.23 12.81
C ALA A 10 2.66 20.04 13.03
N LEU A 11 3.02 18.91 12.45
CA LEU A 11 2.33 17.66 12.76
C LEU A 11 3.00 16.99 13.97
N PRO A 12 2.28 16.94 15.10
CA PRO A 12 2.90 16.31 16.27
C PRO A 12 3.14 14.83 16.02
N PRO A 13 4.11 14.23 16.73
CA PRO A 13 4.28 12.78 16.58
C PRO A 13 3.00 12.04 17.02
N ALA A 14 2.75 10.87 16.45
CA ALA A 14 1.56 10.11 16.82
C ALA A 14 1.68 9.56 18.23
N ALA A 15 2.92 9.34 18.65
CA ALA A 15 3.23 8.65 19.89
C ALA A 15 4.52 9.17 20.48
N GLN A 16 4.56 9.27 21.81
CA GLN A 16 5.80 9.58 22.50
C GLN A 16 6.09 8.58 23.62
N PRO A 17 7.37 8.36 23.94
CA PRO A 17 7.70 7.41 25.01
C PRO A 17 6.95 7.78 26.26
N GLY A 18 6.29 6.80 26.89
CA GLY A 18 5.52 7.05 28.07
C GLY A 18 4.02 7.10 27.83
N ASP A 19 3.61 7.31 26.58
CA ASP A 19 2.18 7.41 26.29
C ASP A 19 1.47 6.07 26.52
N PRO A 20 0.27 6.10 27.12
CA PRO A 20 -0.56 4.90 27.09
C PRO A 20 -0.98 4.61 25.65
N LEU A 21 -1.11 3.33 25.31
CA LEU A 21 -1.49 2.94 23.97
C LEU A 21 -2.76 3.65 23.51
N ALA A 22 -3.72 3.82 24.40
CA ALA A 22 -5.01 4.37 24.03
C ALA A 22 -4.93 5.84 23.62
N ARG A 23 -3.80 6.51 23.89
CA ARG A 23 -3.62 7.92 23.54
CA ARG A 23 -3.64 7.91 23.51
C ARG A 23 -2.80 8.10 22.26
N VAL A 24 -2.35 7.00 21.67
CA VAL A 24 -1.59 7.07 20.43
C VAL A 24 -2.53 7.51 19.31
N ASP A 25 -2.09 8.44 18.45
CA ASP A 25 -2.97 8.86 17.35
C ASP A 25 -3.05 7.74 16.30
N THR A 26 -4.20 7.69 15.62
CA THR A 26 -4.57 6.60 14.75
C THR A 26 -4.81 7.08 13.32
N PRO A 27 -4.64 6.21 12.33
CA PRO A 27 -4.12 4.84 12.50
C PRO A 27 -2.63 4.86 12.72
N SER A 28 -2.15 3.89 13.46
CA SER A 28 -0.72 3.71 13.64
C SER A 28 -0.41 2.24 13.58
N LEU A 29 0.76 1.92 13.04
CA LEU A 29 1.30 0.57 13.08
C LEU A 29 2.03 0.37 14.40
N VAL A 30 1.64 -0.67 15.14
CA VAL A 30 2.10 -0.89 16.51
C VAL A 30 2.76 -2.26 16.65
N LEU A 31 3.87 -2.29 17.37
CA LEU A 31 4.60 -3.54 17.63
C LEU A 31 4.52 -3.84 19.12
N ASP A 32 4.03 -5.02 19.50
CA ASP A 32 4.08 -5.51 20.89
C ASP A 32 5.48 -6.07 21.14
N LEU A 33 6.30 -5.32 21.85
CA LEU A 33 7.70 -5.67 21.99
C LEU A 33 7.92 -7.05 22.62
N PRO A 34 7.25 -7.39 23.74
CA PRO A 34 7.52 -8.73 24.30
C PRO A 34 7.13 -9.88 23.36
N ALA A 35 6.01 -9.77 22.67
CA ALA A 35 5.62 -10.82 21.70
C ALA A 35 6.61 -10.93 20.58
N PHE A 36 7.02 -9.78 20.04
CA PHE A 36 8.04 -9.72 19.00
C PHE A 36 9.34 -10.39 19.45
N GLU A 37 9.82 -10.03 20.64
CA GLU A 37 11.06 -10.62 21.14
C GLU A 37 10.93 -12.12 21.33
N ALA A 38 9.76 -12.57 21.79
CA ALA A 38 9.55 -14.00 21.95
C ALA A 38 9.60 -14.70 20.59
N ASN A 39 9.04 -14.08 19.56
CA ASN A 39 9.04 -14.68 18.23
C ASN A 39 10.45 -14.75 17.69
N LEU A 40 11.23 -13.68 17.89
CA LEU A 40 12.61 -13.70 17.44
C LEU A 40 13.38 -14.84 18.09
N ARG A 41 13.21 -15.01 19.39
CA ARG A 41 13.95 -16.05 20.12
C ARG A 41 13.53 -17.43 19.65
N ALA A 42 12.22 -17.61 19.41
CA ALA A 42 11.71 -18.92 19.05
C ALA A 42 12.24 -19.36 17.69
N MET A 43 12.33 -18.42 16.75
CA MET A 43 12.81 -18.77 15.43
CA MET A 43 12.81 -18.78 15.43
C MET A 43 14.31 -19.05 15.46
N GLN A 44 15.05 -18.23 16.19
CA GLN A 44 16.49 -18.45 16.28
C GLN A 44 16.76 -19.79 16.98
N ALA A 45 15.97 -20.13 18.01
CA ALA A 45 16.15 -21.39 18.75
C ALA A 45 15.88 -22.57 17.82
N TRP A 46 14.88 -22.43 16.95
CA TRP A 46 14.50 -23.49 16.02
C TRP A 46 15.64 -23.74 15.03
N ALA A 47 16.19 -22.66 14.49
CA ALA A 47 17.33 -22.79 13.59
C ALA A 47 18.54 -23.43 14.28
N ASP A 48 18.89 -22.95 15.47
CA ASP A 48 20.04 -23.47 16.21
C ASP A 48 19.87 -24.95 16.54
N ARG A 49 18.65 -25.35 16.90
CA ARG A 49 18.32 -26.73 17.25
C ARG A 49 18.63 -27.66 16.08
N HIS A 50 18.36 -27.17 14.86
CA HIS A 50 18.51 -27.98 13.66
C HIS A 50 19.83 -27.70 12.95
N GLU A 51 20.70 -26.92 13.60
CA GLU A 51 22.02 -26.58 13.08
C GLU A 51 21.96 -26.02 11.66
N VAL A 52 20.98 -25.16 11.42
CA VAL A 52 20.93 -24.41 10.18
C VAL A 52 21.00 -22.93 10.50
N ALA A 53 21.44 -22.13 9.52
CA ALA A 53 21.50 -20.68 9.67
C ALA A 53 20.12 -20.03 9.53
N LEU A 54 19.91 -18.93 10.24
CA LEU A 54 18.73 -18.09 10.03
C LEU A 54 19.18 -16.79 9.39
N ARG A 55 18.63 -16.50 8.22
CA ARG A 55 18.89 -15.23 7.51
C ARG A 55 17.55 -14.57 7.26
N PRO A 56 17.02 -13.87 8.29
CA PRO A 56 15.61 -13.49 8.19
C PRO A 56 15.37 -12.43 7.14
N HIS A 57 14.16 -12.47 6.59
CA HIS A 57 13.87 -11.61 5.47
C HIS A 57 13.42 -10.22 5.88
N ALA A 58 14.19 -9.22 5.47
CA ALA A 58 13.91 -7.86 5.81
C ALA A 58 12.81 -7.30 4.95
N LYS A 59 12.35 -7.99 3.91
N LYS A 59 12.38 -8.00 3.90
CA LYS A 59 11.23 -7.42 3.15
CA LYS A 59 11.24 -7.52 3.12
C LYS A 59 9.92 -7.49 3.93
C LYS A 59 9.99 -7.41 4.00
N ALA A 60 9.91 -8.21 5.06
CA ALA A 60 8.71 -8.24 5.89
C ALA A 60 8.45 -6.89 6.55
N HIS A 61 9.53 -6.19 6.95
CA HIS A 61 9.39 -5.05 7.88
C HIS A 61 10.14 -3.81 7.42
N LYS A 62 11.12 -3.94 6.53
CA LYS A 62 11.84 -2.77 6.00
C LYS A 62 12.41 -1.85 7.09
N CYS A 63 12.82 -2.45 8.19
CA CYS A 63 13.16 -1.71 9.39
C CYS A 63 14.52 -2.12 9.93
N PRO A 64 15.53 -1.28 9.74
CA PRO A 64 16.87 -1.65 10.22
C PRO A 64 16.93 -1.97 11.73
N GLU A 65 16.16 -1.30 12.58
CA GLU A 65 16.17 -1.60 14.00
C GLU A 65 15.80 -3.06 14.25
N ILE A 66 14.81 -3.54 13.51
CA ILE A 66 14.42 -4.95 13.66
C ILE A 66 15.51 -5.90 13.19
N ALA A 67 16.12 -5.61 12.04
CA ALA A 67 17.23 -6.46 11.59
C ALA A 67 18.39 -6.45 12.60
N LEU A 68 18.72 -5.30 13.16
CA LEU A 68 19.77 -5.29 14.18
C LEU A 68 19.45 -6.22 15.36
N ARG A 69 18.18 -6.26 15.74
CA ARG A 69 17.79 -7.12 16.86
C ARG A 69 17.82 -8.60 16.47
N GLN A 70 17.48 -8.91 15.23
CA GLN A 70 17.61 -10.29 14.75
C GLN A 70 19.08 -10.73 14.74
N LEU A 71 19.96 -9.84 14.30
CA LEU A 71 21.39 -10.17 14.23
C LEU A 71 21.99 -10.36 15.63
N ALA A 72 21.50 -9.57 16.58
CA ALA A 72 22.01 -9.68 17.95
C ALA A 72 21.75 -11.05 18.57
N LEU A 73 20.70 -11.74 18.11
CA LEU A 73 20.37 -13.08 18.61
C LEU A 73 21.10 -14.20 17.88
N GLY A 74 21.81 -13.85 16.82
CA GLY A 74 22.61 -14.84 16.15
C GLY A 74 22.20 -15.10 14.71
N ALA A 75 21.31 -14.30 14.13
CA ALA A 75 21.03 -14.45 12.69
C ALA A 75 22.32 -14.25 11.90
N ARG A 76 22.51 -14.92 10.76
N ARG A 76 22.45 -15.05 10.85
CA ARG A 76 23.84 -14.86 10.10
CA ARG A 76 23.58 -14.98 9.93
C ARG A 76 24.05 -13.70 9.11
C ARG A 76 23.14 -14.13 8.76
N GLY A 77 23.07 -12.84 9.01
CA GLY A 77 22.87 -11.84 7.96
C GLY A 77 21.36 -11.71 7.74
N ILE A 78 21.00 -10.94 6.73
CA ILE A 78 19.57 -10.80 6.35
C ILE A 78 19.37 -11.01 4.87
N CYS A 79 18.11 -11.13 4.44
CA CYS A 79 17.75 -11.09 3.02
C CYS A 79 17.02 -9.81 2.72
N CYS A 80 17.21 -9.32 1.50
CA CYS A 80 16.44 -8.24 0.92
C CYS A 80 15.93 -8.71 -0.43
N GLN A 81 14.81 -8.19 -0.91
CA GLN A 81 14.23 -8.66 -2.16
C GLN A 81 14.66 -7.82 -3.36
N LYS A 82 15.09 -6.59 -3.09
CA LYS A 82 15.44 -5.62 -4.12
C LYS A 82 16.73 -4.92 -3.69
N VAL A 83 17.56 -4.54 -4.64
CA VAL A 83 18.85 -3.97 -4.30
C VAL A 83 18.72 -2.65 -3.51
N SER A 84 17.81 -1.77 -3.92
CA SER A 84 17.68 -0.51 -3.21
C SER A 84 17.21 -0.67 -1.78
N GLU A 85 16.48 -1.76 -1.49
CA GLU A 85 15.99 -2.02 -0.15
C GLU A 85 17.14 -2.26 0.82
N ALA A 86 18.28 -2.73 0.32
CA ALA A 86 19.43 -2.99 1.15
C ALA A 86 20.13 -1.74 1.67
N LEU A 87 19.98 -0.61 0.98
CA LEU A 87 20.77 0.57 1.34
CA LEU A 87 20.79 0.56 1.34
C LEU A 87 20.60 1.05 2.79
N PRO A 88 19.35 1.13 3.29
CA PRO A 88 19.25 1.59 4.68
C PRO A 88 19.82 0.60 5.68
N PHE A 89 19.87 -0.68 5.31
CA PHE A 89 20.47 -1.66 6.21
C PHE A 89 21.98 -1.52 6.25
N VAL A 90 22.59 -1.31 5.09
CA VAL A 90 24.03 -1.05 5.05
C VAL A 90 24.36 0.22 5.83
N ALA A 91 23.51 1.23 5.74
CA ALA A 91 23.73 2.48 6.47
C ALA A 91 23.68 2.26 7.97
N ALA A 92 22.91 1.26 8.39
CA ALA A 92 22.84 0.91 9.82
C ALA A 92 23.95 -0.03 10.26
N GLY A 93 24.85 -0.37 9.34
CA GLY A 93 26.04 -1.16 9.67
C GLY A 93 25.90 -2.63 9.34
N ILE A 94 24.80 -3.00 8.68
CA ILE A 94 24.59 -4.41 8.33
C ILE A 94 25.30 -4.69 7.02
N ARG A 95 26.17 -5.68 6.99
CA ARG A 95 27.02 -5.88 5.83
C ARG A 95 27.06 -7.31 5.34
N ASP A 96 26.10 -8.12 5.75
CA ASP A 96 25.96 -9.47 5.21
C ASP A 96 24.53 -9.63 4.71
N ILE A 97 24.33 -9.47 3.41
CA ILE A 97 23.01 -9.37 2.84
C ILE A 97 22.88 -10.24 1.60
N HIS A 98 21.84 -11.04 1.56
CA HIS A 98 21.45 -11.82 0.38
C HIS A 98 20.30 -11.18 -0.33
N ILE A 99 20.47 -10.84 -1.60
CA ILE A 99 19.38 -10.38 -2.44
C ILE A 99 18.73 -11.64 -2.96
N SER A 100 17.56 -11.97 -2.42
CA SER A 100 16.90 -13.25 -2.70
C SER A 100 16.08 -13.20 -3.96
N ASN A 101 16.66 -12.65 -5.02
CA ASN A 101 15.94 -12.32 -6.23
C ASN A 101 16.98 -12.11 -7.34
N GLU A 102 16.51 -12.12 -8.58
CA GLU A 102 17.35 -11.76 -9.72
C GLU A 102 17.35 -10.24 -9.89
N VAL A 103 18.48 -9.69 -10.31
CA VAL A 103 18.65 -8.27 -10.51
C VAL A 103 18.83 -7.97 -11.99
N VAL A 104 17.82 -7.32 -12.58
CA VAL A 104 17.79 -7.07 -14.01
C VAL A 104 17.52 -5.60 -14.25
N GLY A 105 18.39 -4.98 -15.03
CA GLY A 105 18.27 -3.59 -15.42
C GLY A 105 19.58 -2.87 -15.18
N PRO A 106 20.01 -2.04 -16.14
CA PRO A 106 21.35 -1.45 -16.03
C PRO A 106 21.56 -0.66 -14.72
N ALA A 107 20.59 0.16 -14.33
CA ALA A 107 20.79 0.94 -13.11
C ALA A 107 20.85 0.04 -11.88
N LYS A 108 20.10 -1.06 -11.89
CA LYS A 108 20.09 -1.93 -10.74
C LYS A 108 21.41 -2.64 -10.58
N LEU A 109 21.96 -3.09 -11.71
CA LEU A 109 23.23 -3.83 -11.68
C LEU A 109 24.35 -2.86 -11.29
N ALA A 110 24.24 -1.59 -11.70
CA ALA A 110 25.25 -0.61 -11.26
C ALA A 110 25.15 -0.40 -9.74
N LEU A 111 23.93 -0.28 -9.22
CA LEU A 111 23.80 -0.10 -7.79
C LEU A 111 24.27 -1.33 -7.02
N LEU A 112 24.00 -2.51 -7.56
CA LEU A 112 24.48 -3.76 -6.96
C LEU A 112 26.01 -3.79 -6.91
N GLY A 113 26.67 -3.28 -7.95
CA GLY A 113 28.12 -3.19 -7.94
C GLY A 113 28.61 -2.36 -6.78
N GLN A 114 27.96 -1.23 -6.54
CA GLN A 114 28.36 -0.37 -5.44
CA GLN A 114 28.29 -0.34 -5.42
C GLN A 114 28.04 -1.02 -4.09
N LEU A 115 26.89 -1.67 -3.99
CA LEU A 115 26.53 -2.40 -2.78
C LEU A 115 27.56 -3.50 -2.47
N ALA A 116 28.00 -4.20 -3.51
CA ALA A 116 28.96 -5.28 -3.33
C ALA A 116 30.36 -4.80 -2.92
N ARG A 117 30.67 -3.54 -3.19
CA ARG A 117 31.90 -2.93 -2.66
C ARG A 117 31.77 -2.54 -1.18
N ALA A 118 30.55 -2.38 -0.70
CA ALA A 118 30.31 -1.80 0.62
C ALA A 118 29.97 -2.86 1.65
N ALA A 119 29.69 -4.06 1.15
CA ALA A 119 29.12 -5.09 1.98
C ALA A 119 29.36 -6.44 1.35
N LYS A 120 29.16 -7.51 2.13
CA LYS A 120 29.29 -8.86 1.61
C LYS A 120 27.93 -9.28 1.05
N ILE A 121 27.83 -9.34 -0.27
CA ILE A 121 26.55 -9.49 -0.94
C ILE A 121 26.46 -10.80 -1.70
N SER A 122 25.30 -11.43 -1.67
CA SER A 122 24.98 -12.47 -2.63
C SER A 122 23.72 -12.14 -3.38
N VAL A 123 23.53 -12.78 -4.54
CA VAL A 123 22.38 -12.51 -5.38
CA VAL A 123 22.36 -12.52 -5.38
C VAL A 123 21.98 -13.82 -6.06
N CYS A 124 20.78 -13.88 -6.57
CA CYS A 124 20.31 -15.04 -7.31
C CYS A 124 20.34 -14.80 -8.78
N VAL A 125 20.53 -15.90 -9.51
CA VAL A 125 20.40 -15.86 -10.98
CA VAL A 125 20.46 -15.90 -10.97
C VAL A 125 19.61 -17.06 -11.45
N ASP A 126 18.87 -16.86 -12.55
CA ASP A 126 18.17 -17.99 -13.17
C ASP A 126 18.25 -17.94 -14.71
N ASN A 127 19.13 -17.07 -15.22
CA ASN A 127 19.09 -16.71 -16.62
C ASN A 127 20.53 -16.52 -17.10
N ALA A 128 20.92 -17.19 -18.20
CA ALA A 128 22.28 -17.10 -18.74
C ALA A 128 22.68 -15.68 -19.12
N GLU A 129 21.84 -14.99 -19.87
CA GLU A 129 22.14 -13.60 -20.22
C GLU A 129 22.39 -12.75 -18.98
N ASN A 130 21.50 -12.87 -17.98
CA ASN A 130 21.68 -12.10 -16.78
C ASN A 130 22.93 -12.46 -16.00
N LEU A 131 23.33 -13.73 -15.98
CA LEU A 131 24.56 -14.11 -15.30
C LEU A 131 25.75 -13.35 -15.94
N ALA A 132 25.76 -13.27 -17.28
CA ALA A 132 26.80 -12.52 -17.98
C ALA A 132 26.72 -11.02 -17.67
N GLN A 133 25.51 -10.45 -17.59
CA GLN A 133 25.33 -9.04 -17.22
C GLN A 133 25.87 -8.78 -15.82
N LEU A 134 25.62 -9.73 -14.93
CA LEU A 134 26.07 -9.59 -13.58
CA LEU A 134 26.10 -9.65 -13.56
C LEU A 134 27.60 -9.60 -13.52
N SER A 135 28.25 -10.54 -14.23
CA SER A 135 29.70 -10.54 -14.27
C SER A 135 30.24 -9.22 -14.81
N ALA A 136 29.67 -8.75 -15.92
CA ALA A 136 30.11 -7.48 -16.49
C ALA A 136 30.00 -6.33 -15.48
N ALA A 137 28.90 -6.32 -14.73
CA ALA A 137 28.66 -5.23 -13.80
C ALA A 137 29.66 -5.31 -12.63
N MET A 138 29.97 -6.52 -12.18
CA MET A 138 30.95 -6.70 -11.10
CA MET A 138 30.90 -6.61 -11.07
C MET A 138 32.34 -6.28 -11.55
N THR A 139 32.68 -6.65 -12.77
CA THR A 139 33.97 -6.25 -13.34
C THR A 139 34.09 -4.75 -13.45
N ARG A 140 33.02 -4.11 -13.91
CA ARG A 140 33.00 -2.66 -14.03
C ARG A 140 33.10 -1.99 -12.66
N ALA A 141 32.46 -2.57 -11.63
CA ALA A 141 32.48 -1.99 -10.29
C ALA A 141 33.76 -2.32 -9.50
N GLY A 142 34.54 -3.29 -10.00
CA GLY A 142 35.70 -3.76 -9.26
C GLY A 142 35.30 -4.57 -8.05
N ALA A 143 34.17 -5.25 -8.13
CA ALA A 143 33.59 -5.91 -6.98
C ALA A 143 33.56 -7.43 -7.14
N GLU A 144 33.26 -8.11 -6.03
CA GLU A 144 33.04 -9.56 -6.01
C GLU A 144 31.72 -9.82 -5.33
N ILE A 145 30.96 -10.77 -5.84
CA ILE A 145 29.68 -11.12 -5.30
CA ILE A 145 29.72 -11.17 -5.20
C ILE A 145 29.54 -12.66 -5.25
N ASP A 146 28.75 -13.17 -4.32
CA ASP A 146 28.36 -14.56 -4.31
C ASP A 146 27.11 -14.71 -5.14
N VAL A 147 27.03 -15.81 -5.89
CA VAL A 147 25.91 -16.10 -6.76
C VAL A 147 25.26 -17.42 -6.38
N LEU A 148 23.95 -17.39 -6.18
CA LEU A 148 23.10 -18.57 -5.95
CA LEU A 148 23.19 -18.62 -6.01
C LEU A 148 22.28 -18.81 -7.20
N VAL A 149 22.17 -20.04 -7.66
CA VAL A 149 21.28 -20.34 -8.77
C VAL A 149 19.91 -20.62 -8.16
N GLU A 150 18.90 -19.93 -8.67
CA GLU A 150 17.56 -20.14 -8.16
C GLU A 150 16.91 -21.26 -8.94
N VAL A 151 16.41 -22.25 -8.21
CA VAL A 151 15.74 -23.37 -8.85
C VAL A 151 14.26 -23.33 -8.48
N ASP A 152 13.43 -23.70 -9.45
CA ASP A 152 11.98 -23.85 -9.21
C ASP A 152 11.75 -25.16 -8.48
N VAL A 153 11.19 -25.10 -7.28
CA VAL A 153 10.87 -26.31 -6.53
C VAL A 153 9.36 -26.49 -6.38
N GLY A 154 8.60 -25.72 -7.17
CA GLY A 154 7.16 -25.89 -7.26
C GLY A 154 6.30 -24.64 -7.29
N GLN A 155 6.85 -23.48 -6.92
CA GLN A 155 6.04 -22.27 -6.94
C GLN A 155 5.72 -21.82 -8.37
N GLY A 156 6.58 -22.13 -9.32
CA GLY A 156 6.34 -21.69 -10.69
C GLY A 156 6.45 -20.18 -10.86
N ARG A 157 7.34 -19.55 -10.11
CA ARG A 157 7.60 -18.11 -10.25
C ARG A 157 8.87 -17.99 -11.09
N CYS A 158 9.98 -17.63 -10.45
CA CYS A 158 11.29 -17.61 -11.10
CA CYS A 158 11.23 -17.64 -11.18
C CYS A 158 11.99 -18.93 -10.89
N GLY A 159 13.19 -19.06 -11.43
CA GLY A 159 13.95 -20.26 -11.17
C GLY A 159 14.06 -21.21 -12.34
N VAL A 160 15.21 -21.87 -12.36
CA VAL A 160 15.57 -22.87 -13.36
C VAL A 160 14.91 -24.22 -13.05
N SER A 161 14.57 -24.99 -14.09
CA SER A 161 13.92 -26.27 -13.86
C SER A 161 14.51 -27.40 -14.68
N ASP A 162 15.72 -27.21 -15.18
CA ASP A 162 16.41 -28.30 -15.86
C ASP A 162 17.88 -28.41 -15.44
N ASP A 163 18.35 -29.65 -15.39
CA ASP A 163 19.69 -29.96 -14.92
C ASP A 163 20.77 -29.23 -15.71
N ALA A 164 20.64 -29.23 -17.03
CA ALA A 164 21.69 -28.69 -17.88
C ALA A 164 21.92 -27.20 -17.61
N THR A 165 20.84 -26.47 -17.35
CA THR A 165 20.99 -25.05 -17.06
C THR A 165 21.59 -24.79 -15.67
N VAL A 166 21.17 -25.56 -14.64
CA VAL A 166 21.77 -25.39 -13.32
C VAL A 166 23.28 -25.62 -13.39
N LEU A 167 23.67 -26.69 -14.08
CA LEU A 167 25.07 -27.01 -14.20
CA LEU A 167 25.08 -27.03 -14.24
C LEU A 167 25.85 -25.94 -14.96
N ALA A 168 25.31 -25.48 -16.08
CA ALA A 168 25.99 -24.46 -16.88
C ALA A 168 26.17 -23.15 -16.12
N LEU A 169 25.11 -22.73 -15.41
CA LEU A 169 25.19 -21.47 -14.69
C LEU A 169 26.23 -21.55 -13.59
N ALA A 170 26.26 -22.69 -12.88
CA ALA A 170 27.25 -22.83 -11.83
C ALA A 170 28.69 -22.88 -12.38
N GLN A 171 28.90 -23.61 -13.47
CA GLN A 171 30.21 -23.66 -14.12
C GLN A 171 30.65 -22.27 -14.56
N GLN A 172 29.70 -21.51 -15.08
CA GLN A 172 30.05 -20.18 -15.56
C GLN A 172 30.33 -19.23 -14.41
N ALA A 173 29.52 -19.31 -13.36
CA ALA A 173 29.79 -18.46 -12.21
C ALA A 173 31.18 -18.75 -11.65
N ARG A 174 31.57 -20.04 -11.57
CA ARG A 174 32.91 -20.37 -11.15
C ARG A 174 33.98 -19.73 -12.04
N ALA A 175 33.82 -19.84 -13.35
CA ALA A 175 34.83 -19.31 -14.28
C ALA A 175 34.85 -17.78 -14.43
N LEU A 176 33.72 -17.10 -14.21
CA LEU A 176 33.59 -15.66 -14.51
C LEU A 176 34.23 -14.83 -13.43
N PRO A 177 34.86 -13.73 -13.84
N PRO A 177 34.91 -13.75 -13.80
CA PRO A 177 35.41 -12.80 -12.86
CA PRO A 177 35.78 -12.97 -12.88
C PRO A 177 34.31 -12.07 -12.11
C PRO A 177 35.14 -12.45 -11.57
N GLY A 178 34.62 -11.84 -10.84
N GLY A 178 34.04 -11.73 -11.64
CA GLY A 178 33.73 -11.09 -9.96
CA GLY A 178 33.48 -11.06 -10.45
C GLY A 178 32.62 -11.92 -9.35
C GLY A 178 32.43 -11.85 -9.68
N LEU A 179 32.49 -13.17 -9.79
CA LEU A 179 31.43 -14.05 -9.31
C LEU A 179 31.99 -15.26 -8.61
N ASN A 180 31.31 -15.67 -7.54
CA ASN A 180 31.66 -16.90 -6.84
C ASN A 180 30.41 -17.73 -6.67
N PHE A 181 30.43 -18.98 -7.12
CA PHE A 181 29.27 -19.82 -6.97
C PHE A 181 29.10 -20.24 -5.52
N ALA A 182 27.94 -19.95 -4.94
CA ALA A 182 27.72 -20.18 -3.53
C ALA A 182 26.67 -21.23 -3.22
N GLY A 183 25.91 -21.66 -4.21
CA GLY A 183 24.88 -22.67 -3.98
C GLY A 183 23.53 -22.38 -4.63
N LEU A 184 22.46 -22.84 -3.99
CA LEU A 184 21.11 -22.79 -4.56
C LEU A 184 20.13 -22.00 -3.70
N GLN A 185 19.28 -21.24 -4.35
CA GLN A 185 18.08 -20.72 -3.71
C GLN A 185 16.90 -21.58 -4.16
N ALA A 186 16.19 -22.12 -3.18
CA ALA A 186 15.07 -23.02 -3.43
C ALA A 186 13.90 -22.58 -2.58
N TYR A 187 13.09 -21.66 -3.08
CA TYR A 187 12.01 -21.13 -2.30
C TYR A 187 10.66 -21.53 -2.85
N HIS A 188 9.86 -22.18 -2.00
CA HIS A 188 8.49 -22.53 -2.38
C HIS A 188 7.52 -21.57 -1.73
N GLY A 189 7.09 -20.55 -2.46
CA GLY A 189 6.23 -19.55 -1.88
C GLY A 189 4.80 -19.97 -1.68
N SER A 190 4.30 -20.90 -2.49
CA SER A 190 2.89 -21.22 -2.38
C SER A 190 2.57 -22.22 -1.27
N VAL A 191 3.54 -23.02 -0.85
CA VAL A 191 3.30 -23.95 0.26
C VAL A 191 3.11 -23.24 1.58
N GLN A 192 3.63 -22.01 1.70
CA GLN A 192 3.62 -21.32 2.98
C GLN A 192 2.22 -21.20 3.61
N HIS A 193 1.18 -21.07 2.78
CA HIS A 193 -0.17 -20.90 3.30
C HIS A 193 -1.09 -22.04 2.91
N TYR A 194 -0.52 -23.19 2.55
CA TYR A 194 -1.34 -24.41 2.53
C TYR A 194 -1.75 -24.68 3.97
N ARG A 195 -3.02 -24.96 4.23
CA ARG A 195 -3.50 -24.83 5.61
C ARG A 195 -3.09 -25.97 6.55
N THR A 196 -3.15 -27.22 6.08
CA THR A 196 -2.82 -28.33 6.98
C THR A 196 -1.32 -28.58 7.02
N ARG A 197 -0.84 -28.96 8.20
CA ARG A 197 0.56 -29.31 8.37
C ARG A 197 0.89 -30.56 7.58
N GLU A 198 -0.07 -31.48 7.44
CA GLU A 198 0.18 -32.67 6.64
C GLU A 198 0.53 -32.30 5.18
N GLU A 199 -0.24 -31.40 4.59
CA GLU A 199 0.08 -31.01 3.22
C GLU A 199 1.37 -30.21 3.11
N ARG A 200 1.59 -29.26 4.02
CA ARG A 200 2.82 -28.47 3.96
C ARG A 200 4.02 -29.39 4.08
N ALA A 201 3.93 -30.38 4.98
CA ALA A 201 5.05 -31.29 5.16
C ALA A 201 5.37 -32.08 3.91
N ALA A 202 4.33 -32.60 3.27
CA ALA A 202 4.51 -33.37 2.04
C ALA A 202 5.11 -32.54 0.91
N VAL A 203 4.61 -31.32 0.74
CA VAL A 203 5.12 -30.48 -0.33
C VAL A 203 6.53 -30.01 -0.02
N CYS A 204 6.81 -29.76 1.25
CA CYS A 204 8.15 -29.41 1.66
C CYS A 204 9.14 -30.56 1.47
N ARG A 205 8.73 -31.79 1.73
CA ARG A 205 9.64 -32.92 1.47
C ARG A 205 9.97 -33.00 -0.02
N GLN A 206 8.99 -32.78 -0.87
CA GLN A 206 9.27 -32.83 -2.31
C GLN A 206 10.16 -31.67 -2.78
N ALA A 207 9.91 -30.46 -2.28
CA ALA A 207 10.79 -29.32 -2.59
C ALA A 207 12.22 -29.62 -2.17
N ALA A 208 12.40 -30.17 -0.96
CA ALA A 208 13.73 -30.51 -0.48
C ALA A 208 14.41 -31.55 -1.36
N ARG A 209 13.67 -32.56 -1.80
CA ARG A 209 14.25 -33.55 -2.67
C ARG A 209 14.72 -32.97 -4.00
N ILE A 210 13.92 -32.09 -4.60
CA ILE A 210 14.33 -31.41 -5.83
C ILE A 210 15.61 -30.62 -5.59
N ALA A 211 15.66 -29.84 -4.52
CA ALA A 211 16.86 -29.05 -4.26
C ALA A 211 18.06 -29.94 -4.02
N ALA A 212 17.85 -31.01 -3.26
CA ALA A 212 18.97 -31.91 -2.98
C ALA A 212 19.49 -32.56 -4.25
N SER A 213 18.58 -32.90 -5.16
CA SER A 213 19.00 -33.55 -6.41
CA SER A 213 19.02 -33.56 -6.39
C SER A 213 19.83 -32.61 -7.29
N TYR A 214 19.49 -31.34 -7.31
CA TYR A 214 20.32 -30.37 -8.03
C TYR A 214 21.70 -30.23 -7.36
N ALA A 215 21.74 -30.18 -6.04
CA ALA A 215 23.01 -30.07 -5.34
C ALA A 215 23.86 -31.30 -5.64
N GLN A 216 23.23 -32.48 -5.69
CA GLN A 216 23.91 -33.74 -5.96
C GLN A 216 24.54 -33.70 -7.36
N LEU A 217 23.76 -33.20 -8.31
CA LEU A 217 24.21 -33.06 -9.70
C LEU A 217 25.47 -32.21 -9.76
N LEU A 218 25.47 -31.10 -9.03
CA LEU A 218 26.63 -30.18 -9.02
C LEU A 218 27.85 -30.88 -8.42
N ARG A 219 27.67 -31.54 -7.29
CA ARG A 219 28.77 -32.23 -6.62
C ARG A 219 29.36 -33.31 -7.50
N GLU A 220 28.49 -34.03 -8.19
CA GLU A 220 28.95 -35.11 -9.06
C GLU A 220 29.74 -34.55 -10.24
N SER A 221 29.53 -33.28 -10.56
CA SER A 221 30.28 -32.64 -11.64
C SER A 221 31.44 -31.83 -11.12
N GLY A 222 31.81 -32.03 -9.85
CA GLY A 222 32.97 -31.39 -9.28
C GLY A 222 32.79 -29.95 -8.80
N ILE A 223 31.54 -29.57 -8.55
CA ILE A 223 31.23 -28.21 -8.08
C ILE A 223 30.58 -28.27 -6.73
N ALA A 224 31.25 -27.71 -5.73
CA ALA A 224 30.71 -27.71 -4.37
C ALA A 224 29.46 -26.83 -4.32
N CYS A 225 28.51 -27.26 -3.51
CA CYS A 225 27.24 -26.59 -3.35
C CYS A 225 27.05 -26.35 -1.86
N ASP A 226 27.61 -25.24 -1.38
CA ASP A 226 27.76 -24.96 0.05
C ASP A 226 26.44 -24.59 0.75
N THR A 227 25.63 -23.82 0.05
CA THR A 227 24.43 -23.24 0.63
C THR A 227 23.22 -23.74 -0.15
N ILE A 228 22.19 -24.17 0.56
CA ILE A 228 20.85 -24.32 -0.02
C ILE A 228 19.94 -23.49 0.87
N THR A 229 19.44 -22.40 0.31
CA THR A 229 18.70 -21.44 1.12
C THR A 229 17.27 -21.30 0.63
N GLY A 230 16.36 -21.09 1.57
CA GLY A 230 14.96 -20.97 1.20
C GLY A 230 14.15 -21.01 2.48
N GLY A 231 12.88 -21.36 2.35
CA GLY A 231 12.01 -21.47 3.51
C GLY A 231 11.31 -20.17 3.82
N GLY A 232 10.10 -20.29 4.31
CA GLY A 232 9.34 -19.14 4.76
C GLY A 232 8.71 -19.51 6.09
N THR A 233 7.95 -18.60 6.65
CA THR A 233 7.39 -18.80 7.97
C THR A 233 6.51 -20.04 8.06
N GLY A 234 5.75 -20.30 7.00
CA GLY A 234 4.88 -21.47 6.95
C GLY A 234 5.60 -22.80 6.78
N SER A 235 6.82 -22.79 6.27
CA SER A 235 7.50 -24.02 5.96
C SER A 235 8.70 -24.33 6.83
N VAL A 236 9.22 -23.37 7.60
CA VAL A 236 10.49 -23.59 8.30
C VAL A 236 10.37 -24.69 9.36
N GLU A 237 9.17 -24.98 9.84
CA GLU A 237 9.02 -26.14 10.73
C GLU A 237 9.58 -27.40 10.08
N PHE A 238 9.37 -27.51 8.78
CA PHE A 238 9.76 -28.70 8.03
C PHE A 238 11.11 -28.50 7.35
N ASP A 239 11.34 -27.32 6.76
CA ASP A 239 12.62 -27.09 6.09
C ASP A 239 13.83 -27.19 7.03
N ALA A 240 13.68 -26.77 8.29
CA ALA A 240 14.84 -26.80 9.18
C ALA A 240 15.28 -28.21 9.42
N ALA A 241 14.32 -29.13 9.43
CA ALA A 241 14.58 -30.52 9.74
C ALA A 241 14.85 -31.36 8.48
N SER A 242 14.87 -30.72 7.31
CA SER A 242 14.99 -31.47 6.05
C SER A 242 16.32 -32.18 5.83
N GLY A 243 17.39 -31.67 6.44
CA GLY A 243 18.72 -32.16 6.14
C GLY A 243 19.23 -31.73 4.79
N VAL A 244 18.53 -30.78 4.17
CA VAL A 244 18.89 -30.29 2.85
C VAL A 244 19.15 -28.79 2.93
N TYR A 245 18.16 -28.03 3.39
CA TYR A 245 18.39 -26.60 3.59
C TYR A 245 19.48 -26.36 4.60
N THR A 246 20.34 -25.38 4.29
CA THR A 246 21.38 -24.97 5.21
C THR A 246 21.09 -23.60 5.81
N GLU A 247 20.13 -22.88 5.23
CA GLU A 247 19.84 -21.53 5.67
C GLU A 247 18.34 -21.30 5.45
N LEU A 248 17.69 -20.68 6.43
CA LEU A 248 16.24 -20.38 6.38
C LEU A 248 16.01 -18.88 6.19
N GLN A 249 15.03 -18.51 5.37
CA GLN A 249 14.75 -17.12 5.01
C GLN A 249 13.43 -16.56 5.54
N ALA A 250 12.91 -17.10 6.61
CA ALA A 250 11.64 -16.64 7.14
C ALA A 250 11.65 -15.15 7.46
N GLY A 251 10.52 -14.48 7.23
CA GLY A 251 10.38 -13.04 7.46
C GLY A 251 9.20 -12.66 8.35
N SER A 252 8.01 -13.17 8.01
CA SER A 252 6.76 -12.81 8.68
C SER A 252 6.63 -13.28 10.13
N TYR A 253 7.41 -14.30 10.50
CA TYR A 253 7.29 -14.98 11.79
C TYR A 253 7.39 -14.01 12.98
N ALA A 254 8.11 -12.90 12.80
CA ALA A 254 8.33 -12.01 13.94
C ALA A 254 7.03 -11.30 14.34
N PHE A 255 6.08 -11.28 13.41
CA PHE A 255 4.90 -10.41 13.47
C PHE A 255 3.59 -11.19 13.48
N MET A 256 3.46 -12.08 12.49
CA MET A 256 2.24 -12.80 12.15
C MET A 256 1.14 -11.89 11.64
N ASP A 257 0.18 -12.50 10.98
CA ASP A 257 -0.91 -11.76 10.36
C ASP A 257 -2.11 -12.70 10.28
N SER A 258 -3.24 -12.24 9.80
CA SER A 258 -4.45 -13.06 9.78
CA SER A 258 -4.40 -13.12 9.87
C SER A 258 -4.39 -14.21 8.77
N ASP A 259 -3.70 -13.99 7.65
CA ASP A 259 -3.58 -15.06 6.65
C ASP A 259 -2.72 -16.21 7.16
N TYR A 260 -1.54 -15.91 7.69
CA TYR A 260 -0.74 -16.94 8.36
C TYR A 260 -1.44 -17.54 9.57
N GLY A 261 -2.26 -16.74 10.24
CA GLY A 261 -2.99 -17.23 11.41
C GLY A 261 -3.96 -18.33 11.04
N ALA A 262 -4.37 -18.38 9.78
CA ALA A 262 -5.36 -19.37 9.34
C ALA A 262 -4.72 -20.74 9.05
N ASN A 263 -3.40 -20.79 8.98
CA ASN A 263 -2.71 -22.09 8.96
C ASN A 263 -2.96 -22.88 10.23
N GLU A 264 -2.91 -24.20 10.11
CA GLU A 264 -2.75 -25.08 11.26
C GLU A 264 -1.35 -24.91 11.90
N TRP A 265 -1.30 -24.62 13.19
CA TRP A 265 -0.03 -24.41 13.90
C TRP A 265 0.07 -25.27 15.17
N ASN A 266 -0.36 -26.52 15.10
CA ASN A 266 -0.39 -27.34 16.31
C ASN A 266 0.83 -28.28 16.42
N GLY A 267 1.96 -27.85 15.87
CA GLY A 267 3.22 -28.53 16.08
C GLY A 267 4.11 -27.77 17.05
N PRO A 268 5.40 -28.09 17.06
CA PRO A 268 6.39 -27.57 18.02
C PRO A 268 6.86 -26.15 17.74
N LEU A 269 6.41 -25.55 16.66
CA LEU A 269 6.86 -24.20 16.32
C LEU A 269 5.65 -23.31 16.09
N LYS A 270 5.51 -22.29 16.94
CA LYS A 270 4.38 -21.38 16.88
C LYS A 270 4.85 -19.97 17.16
N PHE A 271 4.13 -19.00 16.61
CA PHE A 271 4.46 -17.59 16.78
C PHE A 271 3.26 -16.80 17.28
N GLN A 272 3.56 -15.77 18.07
CA GLN A 272 2.54 -14.86 18.62
C GLN A 272 2.23 -13.69 17.69
N ASN A 273 1.03 -13.12 17.80
CA ASN A 273 0.78 -11.86 17.14
C ASN A 273 1.53 -10.75 17.83
N SER A 274 2.34 -10.01 17.08
CA SER A 274 3.03 -8.85 17.67
C SER A 274 2.78 -7.57 16.93
N LEU A 275 2.08 -7.65 15.80
CA LEU A 275 1.91 -6.50 14.90
C LEU A 275 0.45 -6.11 14.73
N PHE A 276 0.13 -4.84 14.99
CA PHE A 276 -1.25 -4.39 15.00
C PHE A 276 -1.36 -3.04 14.31
N VAL A 277 -2.53 -2.79 13.73
CA VAL A 277 -2.88 -1.43 13.34
C VAL A 277 -3.89 -0.90 14.38
N LEU A 278 -3.54 0.21 15.00
CA LEU A 278 -4.40 0.86 15.98
C LEU A 278 -5.35 1.76 15.25
N SER A 279 -6.63 1.68 15.58
CA SER A 279 -7.67 2.44 14.86
C SER A 279 -8.72 2.99 15.81
N THR A 280 -9.27 4.16 15.47
CA THR A 280 -10.30 4.78 16.28
C THR A 280 -11.68 4.64 15.66
N VAL A 281 -12.68 4.39 16.50
CA VAL A 281 -14.08 4.42 16.06
C VAL A 281 -14.49 5.86 15.79
N MET A 282 -14.77 6.17 14.52
CA MET A 282 -15.08 7.57 14.22
C MET A 282 -16.49 7.83 13.75
N SER A 283 -17.34 6.81 13.77
CA SER A 283 -18.77 7.00 13.49
C SER A 283 -19.54 5.81 14.05
N THR A 284 -20.71 6.09 14.61
CA THR A 284 -21.61 5.06 15.17
C THR A 284 -22.99 5.32 14.58
N PRO A 285 -23.16 5.00 13.30
CA PRO A 285 -24.27 5.58 12.55
C PRO A 285 -25.58 4.83 12.62
N ALA A 286 -25.54 3.57 12.98
CA ALA A 286 -26.74 2.75 13.04
C ALA A 286 -26.44 1.61 13.98
N PRO A 287 -27.49 1.00 14.57
N PRO A 287 -27.47 0.95 14.56
CA PRO A 287 -27.32 -0.23 15.32
CA PRO A 287 -27.24 -0.08 15.59
C PRO A 287 -26.74 -1.30 14.41
C PRO A 287 -26.21 -1.19 15.26
N GLY A 288 -25.74 -2.02 14.89
N GLY A 288 -26.22 -1.70 14.04
CA GLY A 288 -25.14 -3.08 14.11
CA GLY A 288 -25.44 -2.89 13.72
C GLY A 288 -23.83 -2.72 13.44
C GLY A 288 -24.03 -2.66 13.20
N ARG A 289 -23.53 -1.43 13.30
CA ARG A 289 -22.22 -1.11 12.76
C ARG A 289 -21.55 0.12 13.34
N VAL A 290 -20.22 0.06 13.35
CA VAL A 290 -19.39 1.23 13.64
C VAL A 290 -18.39 1.36 12.53
N ILE A 291 -17.83 2.56 12.38
CA ILE A 291 -16.86 2.84 11.32
C ILE A 291 -15.52 3.21 11.95
N LEU A 292 -14.46 2.52 11.51
CA LEU A 292 -13.09 2.75 11.95
CA LEU A 292 -13.10 2.77 11.98
C LEU A 292 -12.33 3.68 11.02
N ASP A 293 -11.31 4.35 11.53
CA ASP A 293 -10.53 5.25 10.69
C ASP A 293 -9.34 4.63 9.97
N ALA A 294 -9.26 3.30 9.99
CA ALA A 294 -8.21 2.58 9.28
C ALA A 294 -8.77 1.79 8.12
N GLY A 295 -8.35 2.16 6.90
CA GLY A 295 -8.73 1.42 5.71
C GLY A 295 -7.51 1.00 4.93
N LEU A 296 -7.68 0.94 3.61
CA LEU A 296 -6.63 0.51 2.67
C LEU A 296 -5.35 1.34 2.72
N LYS A 297 -5.41 2.59 3.16
CA LYS A 297 -4.21 3.39 3.19
C LYS A 297 -3.35 3.01 4.40
N SER A 298 -3.90 2.20 5.33
CA SER A 298 -3.19 1.83 6.56
CA SER A 298 -3.17 1.83 6.54
C SER A 298 -2.92 0.33 6.64
N THR A 299 -3.71 -0.45 5.91
CA THR A 299 -3.48 -1.90 5.88
C THR A 299 -4.03 -2.46 4.56
N THR A 300 -3.38 -3.44 3.97
CA THR A 300 -3.77 -3.89 2.62
C THR A 300 -4.83 -4.98 2.70
N ALA A 301 -5.47 -5.26 1.57
CA ALA A 301 -6.59 -6.19 1.58
C ALA A 301 -6.62 -7.14 0.40
N GLU A 302 -5.47 -7.36 -0.22
CA GLU A 302 -5.41 -8.38 -1.26
C GLU A 302 -5.71 -9.78 -0.69
N CYS A 303 -5.48 -9.95 0.62
CA CYS A 303 -5.78 -11.22 1.31
C CYS A 303 -7.02 -11.09 2.17
N GLY A 304 -7.82 -10.06 1.91
CA GLY A 304 -9.02 -9.82 2.69
C GLY A 304 -8.80 -8.74 3.71
N PRO A 305 -9.87 -8.37 4.44
CA PRO A 305 -9.77 -7.32 5.45
C PRO A 305 -8.98 -7.74 6.70
N PRO A 306 -8.56 -6.76 7.50
CA PRO A 306 -7.92 -7.07 8.78
C PRO A 306 -8.93 -7.65 9.75
N ALA A 307 -8.42 -8.18 10.85
CA ALA A 307 -9.27 -8.75 11.90
C ALA A 307 -9.24 -7.89 13.14
N VAL A 308 -10.38 -7.75 13.80
CA VAL A 308 -10.39 -7.01 15.06
C VAL A 308 -9.82 -7.91 16.14
N TYR A 309 -8.75 -7.49 16.79
CA TYR A 309 -8.10 -8.34 17.79
C TYR A 309 -8.83 -8.34 19.14
N GLY A 310 -9.11 -9.53 19.65
CA GLY A 310 -9.70 -9.65 20.98
C GLY A 310 -11.16 -9.25 21.09
N GLU A 311 -11.86 -9.15 19.96
CA GLU A 311 -13.27 -8.76 19.97
C GLU A 311 -14.12 -9.72 19.15
N PRO A 312 -14.49 -10.88 19.72
N PRO A 312 -14.42 -10.91 19.71
CA PRO A 312 -15.20 -11.93 19.00
CA PRO A 312 -15.24 -11.94 19.06
C PRO A 312 -16.43 -11.46 18.19
C PRO A 312 -16.71 -11.54 19.05
N GLY A 313 -17.22 -10.56 18.77
N GLY A 313 -17.08 -10.73 18.07
CA GLY A 313 -18.44 -10.09 18.10
CA GLY A 313 -18.40 -10.14 18.00
C GLY A 313 -18.30 -8.90 17.17
C GLY A 313 -18.31 -8.88 17.18
N LEU A 314 -17.07 -8.48 16.87
CA LEU A 314 -16.84 -7.35 15.95
C LEU A 314 -16.14 -7.86 14.72
N THR A 315 -16.79 -7.68 13.58
CA THR A 315 -16.25 -8.21 12.36
C THR A 315 -15.94 -7.10 11.42
N TYR A 316 -14.67 -6.94 11.11
CA TYR A 316 -14.31 -5.94 10.15
C TYR A 316 -14.80 -6.45 8.80
N ALA A 317 -15.76 -5.74 8.20
CA ALA A 317 -16.34 -6.10 6.91
C ALA A 317 -15.73 -5.25 5.78
N ALA A 318 -16.50 -4.34 5.20
CA ALA A 318 -16.06 -3.59 4.05
C ALA A 318 -14.83 -2.75 4.40
N ILE A 319 -13.91 -2.63 3.46
CA ILE A 319 -12.75 -1.78 3.68
C ILE A 319 -12.66 -0.78 2.53
N ASN A 320 -12.58 0.49 2.89
CA ASN A 320 -12.41 1.55 1.90
C ASN A 320 -11.07 2.19 2.11
N ASP A 321 -10.82 3.27 1.37
CA ASP A 321 -9.56 4.02 1.46
C ASP A 321 -9.14 4.36 2.87
N GLU A 322 -10.05 4.99 3.61
CA GLU A 322 -9.72 5.57 4.91
C GLU A 322 -10.79 5.20 5.92
N HIS A 323 -11.58 4.16 5.61
CA HIS A 323 -12.64 3.70 6.52
C HIS A 323 -12.67 2.19 6.56
N GLY A 324 -13.02 1.65 7.72
CA GLY A 324 -13.37 0.24 7.83
C GLY A 324 -14.75 0.09 8.42
N VAL A 325 -15.64 -0.67 7.76
CA VAL A 325 -16.96 -0.88 8.30
C VAL A 325 -16.90 -2.12 9.17
N VAL A 326 -17.26 -1.97 10.44
CA VAL A 326 -17.25 -3.04 11.41
C VAL A 326 -18.68 -3.44 11.75
N ARG A 327 -19.00 -4.71 11.52
CA ARG A 327 -20.29 -5.27 11.86
C ARG A 327 -20.30 -5.71 13.33
N VAL A 328 -21.30 -5.28 14.07
CA VAL A 328 -21.47 -5.64 15.46
C VAL A 328 -22.42 -6.83 15.49
N GLU A 329 -21.89 -8.01 15.82
CA GLU A 329 -22.70 -9.23 15.82
C GLU A 329 -23.83 -9.09 16.80
N PRO A 330 -25.00 -9.66 16.45
CA PRO A 330 -26.16 -9.67 17.35
C PRO A 330 -25.75 -10.17 18.73
N GLY A 331 -25.97 -9.36 19.77
CA GLY A 331 -25.58 -9.73 21.11
C GLY A 331 -24.29 -9.08 21.58
N ALA A 332 -23.44 -8.69 20.63
CA ALA A 332 -22.16 -8.06 20.97
C ALA A 332 -22.34 -6.59 21.36
N GLN A 333 -21.38 -6.09 22.12
CA GLN A 333 -21.34 -4.71 22.57
C GLN A 333 -20.65 -3.82 21.54
N ALA A 334 -21.38 -2.85 20.98
CA ALA A 334 -20.78 -1.94 20.01
C ALA A 334 -19.80 -1.02 20.71
N PRO A 335 -18.63 -0.80 20.09
CA PRO A 335 -17.66 0.14 20.64
C PRO A 335 -18.21 1.56 20.65
N ALA A 336 -17.78 2.33 21.64
CA ALA A 336 -18.19 3.73 21.73
C ALA A 336 -17.43 4.64 20.74
N LEU A 337 -18.02 5.77 20.41
CA LEU A 337 -17.34 6.77 19.62
C LEU A 337 -16.01 7.11 20.27
N GLY A 338 -14.94 7.13 19.45
CA GLY A 338 -13.63 7.44 19.98
C GLY A 338 -12.90 6.29 20.62
N ALA A 339 -13.54 5.13 20.75
CA ALA A 339 -12.81 3.96 21.27
C ALA A 339 -11.67 3.56 20.34
N VAL A 340 -10.61 3.02 20.93
CA VAL A 340 -9.46 2.61 20.14
C VAL A 340 -9.37 1.10 20.14
N LEU A 341 -9.21 0.55 18.93
CA LEU A 341 -9.22 -0.89 18.72
C LEU A 341 -7.91 -1.32 18.07
N ARG A 342 -7.52 -2.56 18.32
CA ARG A 342 -6.35 -3.12 17.65
C ARG A 342 -6.81 -4.03 16.52
N LEU A 343 -6.20 -3.87 15.36
CA LEU A 343 -6.48 -4.74 14.23
C LEU A 343 -5.26 -5.58 13.85
N VAL A 344 -5.48 -6.85 13.52
CA VAL A 344 -4.40 -7.65 12.97
C VAL A 344 -4.48 -7.57 11.44
N PRO A 345 -3.40 -7.15 10.78
CA PRO A 345 -3.42 -7.07 9.32
C PRO A 345 -3.57 -8.43 8.69
N SER A 346 -4.18 -8.51 7.52
CA SER A 346 -4.24 -9.79 6.84
C SER A 346 -2.90 -10.21 6.25
N HIS A 347 -2.00 -9.26 5.97
CA HIS A 347 -0.73 -9.58 5.32
C HIS A 347 0.37 -8.65 5.80
N VAL A 348 1.38 -9.20 6.48
CA VAL A 348 2.41 -8.41 7.13
C VAL A 348 3.17 -7.44 6.18
N ASP A 349 3.80 -7.96 5.13
CA ASP A 349 4.79 -7.13 4.44
C ASP A 349 4.16 -5.94 3.72
N PRO A 350 3.06 -6.14 3.00
CA PRO A 350 2.51 -4.95 2.32
C PRO A 350 1.94 -3.94 3.31
N THR A 351 1.53 -4.36 4.50
CA THR A 351 1.08 -3.39 5.50
C THR A 351 2.26 -2.57 6.03
N PHE A 352 3.39 -3.23 6.33
CA PHE A 352 4.57 -2.51 6.78
C PHE A 352 4.97 -1.45 5.75
N ASN A 353 4.83 -1.78 4.47
CA ASN A 353 5.21 -0.87 3.41
C ASN A 353 4.29 0.36 3.23
N LEU A 354 3.23 0.47 4.02
CA LEU A 354 2.39 1.66 4.00
C LEU A 354 2.82 2.70 5.00
N HIS A 355 3.70 2.34 5.92
CA HIS A 355 4.03 3.19 7.05
C HIS A 355 5.47 3.63 7.09
N ASP A 356 5.71 4.80 7.66
CA ASP A 356 7.10 5.26 7.84
C ASP A 356 7.68 5.02 9.22
N GLY A 357 6.82 4.83 10.21
CA GLY A 357 7.26 4.59 11.58
C GLY A 357 6.46 3.48 12.22
N LEU A 358 7.09 2.83 13.19
CA LEU A 358 6.55 1.71 13.92
C LEU A 358 6.52 2.09 15.40
N VAL A 359 5.32 2.15 15.97
CA VAL A 359 5.17 2.50 17.38
C VAL A 359 5.39 1.24 18.23
N VAL A 360 6.43 1.27 19.08
CA VAL A 360 6.82 0.11 19.86
C VAL A 360 6.27 0.22 21.27
N VAL A 361 5.52 -0.80 21.69
CA VAL A 361 4.77 -0.78 22.94
CA VAL A 361 4.87 -0.75 22.99
C VAL A 361 5.17 -1.96 23.84
N LYS A 362 5.16 -1.75 25.15
CA LYS A 362 5.40 -2.82 26.12
C LYS A 362 4.44 -2.57 27.28
N ASP A 363 3.64 -3.57 27.61
CA ASP A 363 2.67 -3.47 28.71
C ASP A 363 1.80 -2.23 28.58
N GLY A 364 1.37 -1.93 27.36
CA GLY A 364 0.43 -0.85 27.16
C GLY A 364 1.01 0.54 27.15
N VAL A 365 2.34 0.62 27.19
CA VAL A 365 3.04 1.90 27.22
C VAL A 365 4.03 2.06 26.07
N VAL A 366 3.97 3.19 25.37
CA VAL A 366 4.90 3.43 24.28
C VAL A 366 6.35 3.50 24.76
N GLN A 367 7.22 2.74 24.10
CA GLN A 367 8.65 2.68 24.42
C GLN A 367 9.48 3.54 23.47
N ASP A 368 9.09 3.52 22.20
CA ASP A 368 9.93 4.07 21.14
C ASP A 368 9.14 4.10 19.84
N VAL A 369 9.68 4.79 18.85
CA VAL A 369 9.15 4.74 17.50
C VAL A 369 10.33 4.44 16.59
N TRP A 370 10.26 3.33 15.85
CA TRP A 370 11.35 2.89 14.98
C TRP A 370 11.05 3.26 13.54
N GLU A 371 12.11 3.62 12.81
CA GLU A 371 11.95 4.05 11.44
C GLU A 371 11.87 2.87 10.47
N ILE A 372 10.84 2.87 9.66
CA ILE A 372 10.66 1.88 8.59
C ILE A 372 11.43 2.46 7.39
N ALA A 373 12.76 2.39 7.50
CA ALA A 373 13.62 3.19 6.65
C ALA A 373 13.68 2.73 5.21
N ALA A 374 13.32 1.48 4.95
CA ALA A 374 13.31 1.00 3.58
C ALA A 374 11.90 1.03 2.97
N ARG A 375 10.96 1.75 3.59
CA ARG A 375 9.63 1.84 3.01
C ARG A 375 9.66 2.41 1.60
N GLY A 376 8.96 1.75 0.69
CA GLY A 376 8.88 2.21 -0.69
C GLY A 376 10.13 1.94 -1.54
N PHE A 377 11.16 1.29 -0.99
CA PHE A 377 12.36 0.96 -1.75
C PHE A 377 12.12 -0.37 -2.49
N SER A 378 11.63 -0.32 -3.72
CA SER A 378 11.38 -1.53 -4.54
C SER A 378 12.20 -1.57 -5.81
N ARG A 379 13.03 -0.56 -6.03
CA ARG A 379 13.94 -0.58 -7.19
C ARG A 379 15.16 -1.49 -6.99
N GLY B 8 27.13 7.10 2.90
CA GLY B 8 27.41 5.78 2.34
C GLY B 8 27.10 5.70 0.86
N ILE B 9 26.21 4.78 0.48
CA ILE B 9 25.81 4.62 -0.91
C ILE B 9 24.60 5.47 -1.22
N ALA B 10 24.70 6.29 -2.26
CA ALA B 10 23.59 7.12 -2.69
C ALA B 10 22.69 6.35 -3.66
N LEU B 11 21.40 6.55 -3.50
CA LEU B 11 20.42 6.03 -4.45
C LEU B 11 20.17 7.07 -5.53
N PRO B 12 20.58 6.79 -6.78
CA PRO B 12 20.33 7.74 -7.87
C PRO B 12 18.83 7.94 -8.06
N PRO B 13 18.41 9.11 -8.55
CA PRO B 13 16.98 9.24 -8.85
C PRO B 13 16.57 8.21 -9.92
N ALA B 14 15.30 7.82 -9.92
CA ALA B 14 14.81 6.84 -10.89
C ALA B 14 14.75 7.39 -12.29
N ALA B 15 14.62 8.72 -12.38
CA ALA B 15 14.38 9.43 -13.62
C ALA B 15 14.98 10.83 -13.53
N GLN B 16 15.55 11.29 -14.64
CA GLN B 16 16.04 12.66 -14.80
C GLN B 16 15.24 13.32 -15.92
N PRO B 17 14.98 14.63 -15.83
CA PRO B 17 14.39 15.28 -17.00
C PRO B 17 15.20 15.02 -18.26
N GLY B 18 14.53 14.68 -19.35
CA GLY B 18 15.20 14.34 -20.59
C GLY B 18 15.33 12.84 -20.83
N ASP B 19 15.16 12.02 -19.81
CA ASP B 19 15.27 10.57 -19.99
C ASP B 19 14.16 10.04 -20.87
N PRO B 20 14.48 9.12 -21.77
CA PRO B 20 13.41 8.36 -22.40
C PRO B 20 12.76 7.49 -21.36
N LEU B 21 11.46 7.29 -21.50
CA LEU B 21 10.70 6.46 -20.56
C LEU B 21 11.32 5.08 -20.37
N ALA B 22 11.90 4.53 -21.42
CA ALA B 22 12.41 3.18 -21.36
C ALA B 22 13.63 3.08 -20.46
N ARG B 23 14.25 4.22 -20.13
CA ARG B 23 15.42 4.21 -19.25
C ARG B 23 15.11 4.58 -17.79
N VAL B 24 13.83 4.82 -17.49
CA VAL B 24 13.40 5.11 -16.12
C VAL B 24 13.54 3.83 -15.28
N ASP B 25 14.11 3.95 -14.09
CA ASP B 25 14.27 2.74 -13.26
C ASP B 25 12.91 2.27 -12.73
N THR B 26 12.76 0.97 -12.53
CA THR B 26 11.47 0.35 -12.22
C THR B 26 11.46 -0.38 -10.87
N PRO B 27 10.27 -0.52 -10.25
CA PRO B 27 9.00 0.04 -10.70
C PRO B 27 8.94 1.54 -10.41
N SER B 28 8.25 2.26 -11.25
CA SER B 28 8.00 3.69 -11.01
C SER B 28 6.56 3.99 -11.32
N LEU B 29 6.00 4.94 -10.60
CA LEU B 29 4.67 5.45 -10.90
C LEU B 29 4.82 6.59 -11.91
N VAL B 30 4.10 6.50 -13.02
CA VAL B 30 4.32 7.41 -14.16
C VAL B 30 3.01 8.09 -14.55
N LEU B 31 3.11 9.40 -14.81
CA LEU B 31 1.99 10.19 -15.28
C LEU B 31 2.21 10.66 -16.71
N ASP B 32 1.25 10.35 -17.59
CA ASP B 32 1.23 10.85 -18.97
C ASP B 32 0.64 12.26 -18.94
N LEU B 33 1.50 13.28 -19.03
CA LEU B 33 1.05 14.63 -18.79
C LEU B 33 -0.08 15.11 -19.73
N PRO B 34 0.03 14.88 -21.06
CA PRO B 34 -1.09 15.35 -21.90
C PRO B 34 -2.45 14.67 -21.61
N ALA B 35 -2.45 13.39 -21.30
CA ALA B 35 -3.71 12.73 -20.98
C ALA B 35 -4.28 13.29 -19.67
N PHE B 36 -3.40 13.48 -18.69
CA PHE B 36 -3.78 14.05 -17.40
C PHE B 36 -4.40 15.43 -17.59
N GLU B 37 -3.72 16.26 -18.37
CA GLU B 37 -4.20 17.61 -18.59
C GLU B 37 -5.57 17.62 -19.29
N ALA B 38 -5.75 16.72 -20.26
CA ALA B 38 -7.02 16.62 -20.95
C ALA B 38 -8.13 16.18 -19.99
N ASN B 39 -7.82 15.25 -19.08
CA ASN B 39 -8.80 14.82 -18.08
C ASN B 39 -9.17 15.96 -17.16
N LEU B 40 -8.17 16.74 -16.74
CA LEU B 40 -8.45 17.87 -15.85
C LEU B 40 -9.39 18.87 -16.52
N ARG B 41 -9.11 19.19 -17.78
CA ARG B 41 -9.95 20.14 -18.49
CA ARG B 41 -9.94 20.14 -18.52
C ARG B 41 -11.37 19.60 -18.72
N ALA B 42 -11.49 18.32 -19.03
CA ALA B 42 -12.80 17.73 -19.30
C ALA B 42 -13.69 17.77 -18.07
N MET B 43 -13.14 17.49 -16.90
CA MET B 43 -13.93 17.47 -15.67
CA MET B 43 -13.96 17.47 -15.69
C MET B 43 -14.32 18.90 -15.30
N GLN B 44 -13.37 19.83 -15.42
CA GLN B 44 -13.72 21.21 -15.11
C GLN B 44 -14.77 21.75 -16.09
N ALA B 45 -14.66 21.40 -17.37
CA ALA B 45 -15.65 21.86 -18.36
C ALA B 45 -17.04 21.27 -18.04
N TRP B 46 -17.06 20.05 -17.54
CA TRP B 46 -18.33 19.41 -17.20
C TRP B 46 -19.02 20.14 -16.05
N ALA B 47 -18.25 20.45 -15.03
CA ALA B 47 -18.76 21.23 -13.91
C ALA B 47 -19.24 22.59 -14.38
N ASP B 48 -18.46 23.25 -15.24
CA ASP B 48 -18.82 24.60 -15.70
C ASP B 48 -20.11 24.56 -16.51
N ARG B 49 -20.27 23.52 -17.33
CA ARG B 49 -21.44 23.40 -18.18
C ARG B 49 -22.72 23.33 -17.35
N HIS B 50 -22.62 22.73 -16.17
CA HIS B 50 -23.78 22.54 -15.30
C HIS B 50 -23.87 23.55 -14.18
N GLU B 51 -23.01 24.56 -14.26
CA GLU B 51 -22.87 25.60 -13.24
CA GLU B 51 -22.98 25.59 -13.23
C GLU B 51 -22.83 25.02 -11.82
N VAL B 52 -21.96 24.03 -11.65
CA VAL B 52 -21.66 23.52 -10.33
C VAL B 52 -20.17 23.64 -10.11
N ALA B 53 -19.78 23.61 -8.85
CA ALA B 53 -18.38 23.73 -8.49
C ALA B 53 -17.68 22.39 -8.55
N LEU B 54 -16.42 22.40 -8.92
CA LEU B 54 -15.57 21.21 -8.82
C LEU B 54 -14.58 21.37 -7.70
N ARG B 55 -14.62 20.42 -6.74
CA ARG B 55 -13.70 20.43 -5.63
C ARG B 55 -13.04 19.07 -5.62
N PRO B 56 -11.98 18.92 -6.44
CA PRO B 56 -11.47 17.56 -6.68
C PRO B 56 -10.81 16.95 -5.46
N HIS B 57 -10.89 15.62 -5.38
CA HIS B 57 -10.47 14.93 -4.18
C HIS B 57 -8.98 14.65 -4.22
N ALA B 58 -8.25 15.25 -3.29
CA ALA B 58 -6.80 15.08 -3.21
C ALA B 58 -6.42 13.74 -2.64
N LYS B 59 -7.35 12.99 -2.06
N LYS B 59 -7.37 12.99 -2.07
CA LYS B 59 -6.94 11.69 -1.57
CA LYS B 59 -7.03 11.65 -1.58
C LYS B 59 -6.50 10.79 -2.73
C LYS B 59 -6.64 10.69 -2.71
N ALA B 60 -6.96 11.07 -3.95
CA ALA B 60 -6.64 10.21 -5.07
C ALA B 60 -5.14 10.18 -5.30
N HIS B 61 -4.45 11.30 -5.06
CA HIS B 61 -3.04 11.45 -5.55
C HIS B 61 -2.09 11.98 -4.48
N LYS B 62 -2.60 12.62 -3.43
CA LYS B 62 -1.76 13.09 -2.33
C LYS B 62 -0.58 13.95 -2.80
N CYS B 63 -0.81 14.71 -3.85
CA CYS B 63 0.25 15.43 -4.54
C CYS B 63 -0.10 16.91 -4.72
N PRO B 64 0.55 17.78 -3.95
CA PRO B 64 0.21 19.20 -4.05
C PRO B 64 0.40 19.76 -5.47
N GLU B 65 1.39 19.32 -6.24
CA GLU B 65 1.54 19.85 -7.59
C GLU B 65 0.30 19.59 -8.47
N ILE B 66 -0.30 18.42 -8.29
CA ILE B 66 -1.51 18.12 -9.04
C ILE B 66 -2.68 19.02 -8.59
N ALA B 67 -2.82 19.21 -7.29
CA ALA B 67 -3.88 20.09 -6.79
C ALA B 67 -3.69 21.52 -7.33
N LEU B 68 -2.44 21.99 -7.38
CA LEU B 68 -2.20 23.34 -7.92
C LEU B 68 -2.67 23.43 -9.37
N ARG B 69 -2.42 22.38 -10.14
CA ARG B 69 -2.87 22.40 -11.53
C ARG B 69 -4.39 22.37 -11.64
N GLN B 70 -5.06 21.62 -10.75
CA GLN B 70 -6.52 21.62 -10.72
C GLN B 70 -7.09 22.99 -10.36
N LEU B 71 -6.46 23.65 -9.41
CA LEU B 71 -6.91 25.00 -9.03
C LEU B 71 -6.66 26.00 -10.16
N ALA B 72 -5.55 25.87 -10.88
CA ALA B 72 -5.26 26.79 -12.00
C ALA B 72 -6.34 26.71 -13.09
N LEU B 73 -7.01 25.56 -13.20
CA LEU B 73 -8.06 25.38 -14.21
C LEU B 73 -9.44 25.80 -13.73
N GLY B 74 -9.57 26.14 -12.45
CA GLY B 74 -10.82 26.68 -11.98
C GLY B 74 -11.46 25.93 -10.82
N ALA B 75 -10.78 24.92 -10.29
CA ALA B 75 -11.34 24.20 -9.16
C ALA B 75 -11.62 25.13 -7.99
N ARG B 76 -12.73 24.90 -7.29
N ARG B 76 -12.73 24.93 -7.30
CA ARG B 76 -13.14 25.74 -6.16
CA ARG B 76 -13.01 25.72 -6.11
C ARG B 76 -12.16 25.64 -4.98
C ARG B 76 -12.50 24.93 -4.91
N GLY B 77 -11.59 24.46 -4.83
N GLY B 77 -11.20 25.01 -4.67
CA GLY B 77 -10.70 24.17 -3.73
CA GLY B 77 -10.61 24.28 -3.55
C GLY B 77 -10.47 22.70 -3.86
C GLY B 77 -10.48 22.78 -3.82
N ILE B 78 -10.07 22.04 -2.80
CA ILE B 78 -9.89 20.59 -2.85
C ILE B 78 -10.59 19.92 -1.69
N CYS B 79 -10.70 18.60 -1.77
CA CYS B 79 -11.09 17.76 -0.63
C CYS B 79 -9.89 16.99 -0.13
N CYS B 80 -9.86 16.76 1.17
CA CYS B 80 -8.98 15.78 1.79
C CYS B 80 -9.82 14.88 2.67
N GLN B 81 -9.36 13.65 2.89
CA GLN B 81 -10.16 12.70 3.67
C GLN B 81 -9.78 12.71 5.15
N LYS B 82 -8.61 13.23 5.48
CA LYS B 82 -8.06 13.22 6.83
C LYS B 82 -7.38 14.56 7.11
N VAL B 83 -7.41 15.02 8.36
CA VAL B 83 -6.85 16.33 8.69
C VAL B 83 -5.35 16.43 8.39
N SER B 84 -4.58 15.38 8.72
CA SER B 84 -3.15 15.49 8.50
C SER B 84 -2.79 15.53 7.03
N GLU B 85 -3.64 14.93 6.18
CA GLU B 85 -3.45 14.93 4.75
C GLU B 85 -3.47 16.35 4.18
N ALA B 86 -4.21 17.25 4.82
CA ALA B 86 -4.27 18.63 4.35
C ALA B 86 -2.97 19.43 4.53
N LEU B 87 -2.12 19.03 5.45
CA LEU B 87 -0.98 19.88 5.80
C LEU B 87 -0.03 20.17 4.64
N PRO B 88 0.34 19.17 3.82
CA PRO B 88 1.22 19.52 2.70
C PRO B 88 0.58 20.40 1.63
N PHE B 89 -0.75 20.37 1.56
CA PHE B 89 -1.46 21.22 0.61
C PHE B 89 -1.44 22.66 1.11
N VAL B 90 -1.67 22.84 2.41
CA VAL B 90 -1.57 24.19 2.98
C VAL B 90 -0.15 24.73 2.86
N ALA B 91 0.85 23.87 3.05
CA ALA B 91 2.24 24.29 2.87
C ALA B 91 2.54 24.77 1.44
N ALA B 92 1.81 24.23 0.47
CA ALA B 92 1.93 24.62 -0.93
C ALA B 92 1.05 25.83 -1.28
N GLY B 93 0.36 26.37 -0.28
CA GLY B 93 -0.45 27.58 -0.44
C GLY B 93 -1.92 27.36 -0.75
N ILE B 94 -2.38 26.11 -0.67
CA ILE B 94 -3.77 25.78 -0.92
C ILE B 94 -4.52 25.94 0.39
N ARG B 95 -5.46 26.88 0.40
CA ARG B 95 -6.12 27.26 1.66
C ARG B 95 -7.63 27.25 1.59
N ASP B 96 -8.17 26.45 0.69
CA ASP B 96 -9.62 26.19 0.66
C ASP B 96 -9.80 24.69 0.59
N ILE B 97 -10.08 24.07 1.75
CA ILE B 97 -10.06 22.63 1.85
C ILE B 97 -11.28 22.14 2.61
N HIS B 98 -11.96 21.16 2.02
CA HIS B 98 -13.03 20.44 2.67
C HIS B 98 -12.51 19.10 3.16
N ILE B 99 -12.63 18.83 4.46
CA ILE B 99 -12.37 17.51 5.00
C ILE B 99 -13.66 16.72 4.84
N SER B 100 -13.68 15.81 3.88
CA SER B 100 -14.91 15.12 3.47
C SER B 100 -15.17 13.91 4.33
N ASN B 101 -15.04 14.11 5.64
CA ASN B 101 -15.06 13.03 6.62
C ASN B 101 -15.33 13.64 8.00
N GLU B 102 -15.65 12.77 8.96
CA GLU B 102 -15.78 13.16 10.36
C GLU B 102 -14.41 13.07 11.03
N VAL B 103 -14.13 13.98 11.94
CA VAL B 103 -12.86 14.09 12.65
C VAL B 103 -13.10 13.78 14.13
N VAL B 104 -12.58 12.64 14.58
CA VAL B 104 -12.79 12.12 15.92
C VAL B 104 -11.44 11.79 16.55
N GLY B 105 -11.17 12.38 17.70
CA GLY B 105 -9.96 12.13 18.48
C GLY B 105 -9.40 13.46 18.93
N PRO B 106 -9.00 13.58 20.20
CA PRO B 106 -8.54 14.86 20.76
C PRO B 106 -7.39 15.50 19.95
N ALA B 107 -6.37 14.72 19.59
CA ALA B 107 -5.24 15.27 18.82
C ALA B 107 -5.70 15.76 17.45
N LYS B 108 -6.63 15.03 16.85
CA LYS B 108 -7.11 15.40 15.53
C LYS B 108 -7.89 16.71 15.57
N LEU B 109 -8.73 16.88 16.59
CA LEU B 109 -9.52 18.09 16.66
C LEU B 109 -8.64 19.27 17.00
N ALA B 110 -7.59 19.05 17.82
CA ALA B 110 -6.65 20.13 18.10
C ALA B 110 -5.93 20.56 16.80
N LEU B 111 -5.52 19.59 16.01
CA LEU B 111 -4.84 19.89 14.76
C LEU B 111 -5.81 20.59 13.80
N LEU B 112 -7.06 20.13 13.79
CA LEU B 112 -8.07 20.77 12.97
C LEU B 112 -8.26 22.25 13.34
N GLY B 113 -8.16 22.55 14.64
CA GLY B 113 -8.33 23.92 15.11
C GLY B 113 -7.21 24.78 14.56
N GLN B 114 -5.98 24.24 14.53
CA GLN B 114 -4.85 24.99 14.00
CA GLN B 114 -4.83 24.96 13.98
C GLN B 114 -4.99 25.16 12.49
N LEU B 115 -5.42 24.11 11.80
CA LEU B 115 -5.67 24.18 10.37
C LEU B 115 -6.71 25.25 10.05
N ALA B 116 -7.78 25.30 10.83
CA ALA B 116 -8.85 26.26 10.60
C ALA B 116 -8.43 27.71 10.82
N ARG B 117 -7.36 27.94 11.58
CA ARG B 117 -6.80 29.28 11.71
CA ARG B 117 -6.77 29.28 11.72
C ARG B 117 -5.95 29.66 10.49
N ALA B 118 -5.37 28.65 9.85
CA ALA B 118 -4.41 28.85 8.75
C ALA B 118 -5.07 28.84 7.38
N ALA B 119 -6.33 28.43 7.32
CA ALA B 119 -6.97 28.17 6.03
C ALA B 119 -8.47 28.19 6.17
N LYS B 120 -9.17 28.19 5.05
CA LYS B 120 -10.64 28.12 5.04
C LYS B 120 -11.03 26.67 4.98
N ILE B 121 -11.53 26.16 6.10
CA ILE B 121 -11.76 24.73 6.27
C ILE B 121 -13.23 24.41 6.43
N SER B 122 -13.68 23.30 5.88
CA SER B 122 -14.98 22.75 6.26
C SER B 122 -14.75 21.30 6.64
N VAL B 123 -15.72 20.74 7.36
CA VAL B 123 -15.63 19.35 7.82
C VAL B 123 -17.03 18.79 7.86
N CYS B 124 -17.13 17.47 7.87
CA CYS B 124 -18.41 16.79 8.03
C CYS B 124 -18.66 16.35 9.47
N VAL B 125 -19.93 16.33 9.82
CA VAL B 125 -20.39 15.69 11.07
CA VAL B 125 -20.42 15.74 11.07
C VAL B 125 -21.59 14.79 10.79
N ASP B 126 -21.67 13.71 11.56
CA ASP B 126 -22.85 12.84 11.52
C ASP B 126 -23.28 12.41 12.93
N ASN B 127 -22.74 13.07 13.96
CA ASN B 127 -22.83 12.56 15.33
C ASN B 127 -22.93 13.76 16.29
N ALA B 128 -23.92 13.72 17.17
CA ALA B 128 -24.18 14.82 18.09
C ALA B 128 -23.02 15.07 19.04
N GLU B 129 -22.49 14.00 19.64
CA GLU B 129 -21.37 14.15 20.54
C GLU B 129 -20.19 14.79 19.80
N ASN B 130 -19.90 14.30 18.60
CA ASN B 130 -18.81 14.89 17.82
C ASN B 130 -19.02 16.34 17.44
N LEU B 131 -20.25 16.73 17.08
CA LEU B 131 -20.50 18.15 16.82
C LEU B 131 -20.13 19.02 18.02
N ALA B 132 -20.48 18.56 19.23
CA ALA B 132 -20.13 19.27 20.44
C ALA B 132 -18.62 19.31 20.66
N GLN B 133 -17.91 18.18 20.43
CA GLN B 133 -16.45 18.16 20.49
C GLN B 133 -15.81 19.11 19.50
N LEU B 134 -16.40 19.19 18.31
CA LEU B 134 -15.90 20.09 17.29
CA LEU B 134 -15.92 20.09 17.28
C LEU B 134 -16.03 21.54 17.71
N SER B 135 -17.19 21.90 18.28
CA SER B 135 -17.39 23.26 18.73
C SER B 135 -16.38 23.61 19.83
N ALA B 136 -16.21 22.71 20.80
CA ALA B 136 -15.28 22.97 21.90
C ALA B 136 -13.87 23.19 21.35
N ALA B 137 -13.46 22.38 20.37
CA ALA B 137 -12.12 22.49 19.84
C ALA B 137 -11.92 23.79 19.09
N MET B 138 -12.93 24.22 18.35
CA MET B 138 -12.88 25.48 17.61
CA MET B 138 -12.77 25.45 17.60
C MET B 138 -12.79 26.64 18.56
N THR B 139 -13.61 26.59 19.60
CA THR B 139 -13.63 27.66 20.58
C THR B 139 -12.26 27.77 21.26
N ARG B 140 -11.69 26.63 21.62
CA ARG B 140 -10.39 26.61 22.28
C ARG B 140 -9.29 27.18 21.37
N ALA B 141 -9.39 26.90 20.08
CA ALA B 141 -8.38 27.31 19.10
C ALA B 141 -8.59 28.76 18.63
N GLY B 142 -9.69 29.37 19.03
CA GLY B 142 -10.07 30.67 18.49
C GLY B 142 -10.34 30.62 17.00
N ALA B 143 -10.95 29.53 16.53
CA ALA B 143 -11.13 29.32 15.10
C ALA B 143 -12.59 29.21 14.67
N GLU B 144 -12.82 29.36 13.36
CA GLU B 144 -14.15 29.14 12.77
C GLU B 144 -14.05 28.11 11.66
N ILE B 145 -15.05 27.24 11.57
CA ILE B 145 -15.11 26.28 10.47
CA ILE B 145 -15.10 26.21 10.54
C ILE B 145 -16.51 26.11 9.96
N ASP B 146 -16.62 25.74 8.69
CA ASP B 146 -17.90 25.41 8.09
C ASP B 146 -18.18 23.94 8.37
N VAL B 147 -19.44 23.62 8.64
CA VAL B 147 -19.87 22.25 8.94
C VAL B 147 -20.90 21.75 7.94
N LEU B 148 -20.67 20.57 7.38
CA LEU B 148 -21.61 19.89 6.52
C LEU B 148 -22.14 18.71 7.28
N VAL B 149 -23.44 18.52 7.30
CA VAL B 149 -23.98 17.30 7.89
C VAL B 149 -23.88 16.23 6.80
N GLU B 150 -23.27 15.10 7.15
CA GLU B 150 -23.19 13.99 6.20
C GLU B 150 -24.46 13.15 6.32
N VAL B 151 -25.12 12.91 5.18
CA VAL B 151 -26.30 12.07 5.13
C VAL B 151 -26.00 10.77 4.36
N ASP B 152 -26.61 9.69 4.83
CA ASP B 152 -26.51 8.39 4.14
C ASP B 152 -27.46 8.40 2.96
N VAL B 153 -26.92 8.26 1.76
CA VAL B 153 -27.78 8.22 0.56
C VAL B 153 -27.75 6.83 -0.06
N GLY B 154 -27.22 5.86 0.70
CA GLY B 154 -27.26 4.47 0.28
C GLY B 154 -25.98 3.66 0.43
N GLN B 155 -24.84 4.30 0.68
CA GLN B 155 -23.59 3.54 0.83
C GLN B 155 -23.55 2.77 2.13
N GLY B 156 -24.22 3.29 3.16
CA GLY B 156 -24.24 2.63 4.45
C GLY B 156 -22.87 2.63 5.10
N ARG B 157 -22.15 3.73 4.96
CA ARG B 157 -20.87 3.93 5.62
C ARG B 157 -21.17 4.90 6.78
N CYS B 158 -20.72 6.14 6.70
CA CYS B 158 -21.08 7.13 7.71
CA CYS B 158 -21.07 7.14 7.71
C CYS B 158 -22.33 7.88 7.28
N GLY B 159 -22.77 8.80 8.11
CA GLY B 159 -23.88 9.65 7.70
C GLY B 159 -25.18 9.36 8.42
N VAL B 160 -25.95 10.42 8.59
CA VAL B 160 -27.24 10.44 9.26
CA VAL B 160 -27.20 10.27 9.31
C VAL B 160 -28.33 9.88 8.36
N SER B 161 -29.33 9.21 8.92
CA SER B 161 -30.39 8.68 8.08
C SER B 161 -31.79 8.99 8.61
N ASP B 162 -31.90 9.98 9.48
CA ASP B 162 -33.23 10.39 9.93
C ASP B 162 -33.37 11.91 9.96
N ASP B 163 -34.58 12.37 9.65
CA ASP B 163 -34.87 13.80 9.57
C ASP B 163 -34.54 14.54 10.87
N ALA B 164 -34.94 13.97 12.01
CA ALA B 164 -34.80 14.66 13.29
C ALA B 164 -33.35 14.98 13.58
N THR B 165 -32.48 14.05 13.25
CA THR B 165 -31.08 14.24 13.53
C THR B 165 -30.46 15.27 12.58
N VAL B 166 -30.82 15.22 11.29
CA VAL B 166 -30.31 16.24 10.37
C VAL B 166 -30.69 17.63 10.85
N LEU B 167 -31.97 17.79 11.20
CA LEU B 167 -32.46 19.09 11.63
C LEU B 167 -31.75 19.55 12.90
N ALA B 168 -31.60 18.67 13.88
CA ALA B 168 -30.97 19.02 15.13
C ALA B 168 -29.50 19.43 14.95
N LEU B 169 -28.76 18.67 14.15
CA LEU B 169 -27.35 18.98 13.95
C LEU B 169 -27.19 20.36 13.27
N ALA B 170 -28.02 20.60 12.27
CA ALA B 170 -27.96 21.90 11.58
C ALA B 170 -28.33 23.03 12.54
N GLN B 171 -29.37 22.85 13.35
CA GLN B 171 -29.78 23.90 14.29
C GLN B 171 -28.64 24.16 15.28
N GLN B 172 -28.01 23.09 15.73
CA GLN B 172 -26.93 23.26 16.70
C GLN B 172 -25.70 23.91 16.09
N ALA B 173 -25.33 23.53 14.88
CA ALA B 173 -24.20 24.17 14.22
C ALA B 173 -24.45 25.67 14.08
N ARG B 174 -25.69 26.04 13.73
CA ARG B 174 -26.06 27.44 13.63
C ARG B 174 -25.84 28.16 14.96
N ALA B 175 -26.34 27.55 16.05
CA ALA B 175 -26.30 28.21 17.35
C ALA B 175 -24.91 28.24 18.00
N LEU B 176 -24.04 27.30 17.64
CA LEU B 176 -22.76 27.11 18.34
C LEU B 176 -21.70 28.07 17.85
N PRO B 177 -20.85 28.58 18.76
N PRO B 177 -20.88 28.56 18.78
CA PRO B 177 -19.88 29.65 18.50
CA PRO B 177 -19.76 29.39 18.38
C PRO B 177 -19.00 29.51 17.23
C PRO B 177 -18.68 28.57 17.70
N GLY B 178 -18.07 28.55 17.22
N GLY B 178 -18.09 29.20 16.69
CA GLY B 178 -17.09 28.42 16.15
CA GLY B 178 -17.01 28.62 15.91
C GLY B 178 -17.51 27.57 14.97
C GLY B 178 -17.49 27.79 14.74
N LEU B 179 -18.80 27.53 14.69
CA LEU B 179 -19.36 26.66 13.66
C LEU B 179 -20.35 27.42 12.77
N ASN B 180 -20.26 27.16 11.47
CA ASN B 180 -21.25 27.67 10.51
C ASN B 180 -21.86 26.53 9.74
N PHE B 181 -23.17 26.39 9.75
CA PHE B 181 -23.83 25.32 9.01
C PHE B 181 -23.78 25.64 7.52
N ALA B 182 -23.15 24.78 6.74
CA ALA B 182 -22.92 25.07 5.34
C ALA B 182 -23.70 24.19 4.38
N GLY B 183 -24.30 23.11 4.86
CA GLY B 183 -25.08 22.27 3.97
C GLY B 183 -24.86 20.79 4.21
N LEU B 184 -24.95 20.00 3.14
CA LEU B 184 -24.94 18.54 3.26
C LEU B 184 -23.83 17.92 2.44
N GLN B 185 -23.27 16.84 2.97
CA GLN B 185 -22.43 15.94 2.18
C GLN B 185 -23.22 14.67 1.90
N ALA B 186 -23.32 14.32 0.63
CA ALA B 186 -24.14 13.18 0.22
C ALA B 186 -23.33 12.38 -0.77
N TYR B 187 -22.59 11.40 -0.27
CA TYR B 187 -21.71 10.66 -1.14
C TYR B 187 -22.11 9.18 -1.19
N HIS B 188 -22.34 8.71 -2.41
CA HIS B 188 -22.63 7.28 -2.60
C HIS B 188 -21.42 6.60 -3.20
N GLY B 189 -20.65 5.90 -2.38
CA GLY B 189 -19.46 5.24 -2.88
C GLY B 189 -19.66 4.01 -3.75
N SER B 190 -20.69 3.21 -3.46
CA SER B 190 -20.86 1.96 -4.17
C SER B 190 -21.32 2.12 -5.62
N VAL B 191 -22.06 3.20 -5.89
CA VAL B 191 -22.59 3.39 -7.23
C VAL B 191 -21.48 3.67 -8.25
N GLN B 192 -20.33 4.13 -7.76
CA GLN B 192 -19.29 4.63 -8.68
C GLN B 192 -18.83 3.56 -9.65
N HIS B 193 -18.88 2.28 -9.24
CA HIS B 193 -18.40 1.21 -10.08
C HIS B 193 -19.50 0.25 -10.53
N TYR B 194 -20.75 0.68 -10.45
CA TYR B 194 -21.80 -0.06 -11.16
C TYR B 194 -21.52 0.09 -12.66
N ARG B 195 -21.53 -1.03 -13.39
CA ARG B 195 -20.95 -0.99 -14.72
C ARG B 195 -21.75 -0.21 -15.76
N THR B 196 -23.07 -0.40 -15.84
CA THR B 196 -23.79 0.31 -16.91
C THR B 196 -24.22 1.70 -16.49
N ARG B 197 -24.28 2.60 -17.47
CA ARG B 197 -24.72 3.95 -17.15
C ARG B 197 -26.17 3.96 -16.65
N GLU B 198 -27.01 3.07 -17.17
CA GLU B 198 -28.39 2.97 -16.69
C GLU B 198 -28.43 2.62 -15.20
N GLU B 199 -27.58 1.68 -14.78
CA GLU B 199 -27.53 1.29 -13.36
C GLU B 199 -27.08 2.44 -12.49
N ARG B 200 -26.05 3.15 -12.94
CA ARG B 200 -25.54 4.29 -12.18
C ARG B 200 -26.57 5.40 -12.15
N ALA B 201 -27.20 5.69 -13.29
CA ALA B 201 -28.17 6.76 -13.33
C ALA B 201 -29.31 6.50 -12.34
N ALA B 202 -29.77 5.25 -12.24
CA ALA B 202 -30.90 4.98 -11.35
C ALA B 202 -30.55 5.24 -9.89
N VAL B 203 -29.37 4.81 -9.45
CA VAL B 203 -29.02 4.97 -8.06
C VAL B 203 -28.69 6.43 -7.79
N CYS B 204 -28.10 7.10 -8.77
CA CYS B 204 -27.82 8.51 -8.59
C CYS B 204 -29.09 9.33 -8.46
N ARG B 205 -30.14 8.95 -9.21
CA ARG B 205 -31.42 9.62 -9.09
C ARG B 205 -31.94 9.49 -7.68
N GLN B 206 -31.83 8.28 -7.12
CA GLN B 206 -32.35 8.03 -5.78
C GLN B 206 -31.51 8.77 -4.74
N ALA B 207 -30.19 8.83 -4.89
CA ALA B 207 -29.31 9.57 -3.97
C ALA B 207 -29.66 11.06 -3.98
N ALA B 208 -29.86 11.61 -5.18
CA ALA B 208 -30.25 13.02 -5.31
C ALA B 208 -31.59 13.29 -4.64
N ARG B 209 -32.56 12.38 -4.79
CA ARG B 209 -33.87 12.54 -4.15
C ARG B 209 -33.75 12.56 -2.64
N ILE B 210 -32.91 11.69 -2.09
CA ILE B 210 -32.70 11.67 -0.65
C ILE B 210 -32.07 12.99 -0.19
N ALA B 211 -31.02 13.44 -0.87
CA ALA B 211 -30.36 14.67 -0.49
C ALA B 211 -31.29 15.85 -0.60
N ALA B 212 -32.07 15.91 -1.69
CA ALA B 212 -33.01 17.02 -1.88
C ALA B 212 -34.06 17.05 -0.77
N SER B 213 -34.47 15.87 -0.32
CA SER B 213 -35.51 15.80 0.72
C SER B 213 -34.99 16.38 2.02
N TYR B 214 -33.73 16.11 2.36
CA TYR B 214 -33.14 16.66 3.56
C TYR B 214 -32.96 18.15 3.41
N ALA B 215 -32.56 18.61 2.23
CA ALA B 215 -32.36 20.03 2.02
C ALA B 215 -33.69 20.76 2.15
N GLN B 216 -34.77 20.15 1.65
CA GLN B 216 -36.10 20.75 1.77
C GLN B 216 -36.57 20.80 3.23
N LEU B 217 -36.32 19.73 3.99
CA LEU B 217 -36.61 19.73 5.42
C LEU B 217 -35.95 20.92 6.13
N LEU B 218 -34.70 21.17 5.82
CA LEU B 218 -33.95 22.27 6.42
C LEU B 218 -34.56 23.61 6.04
N ARG B 219 -34.77 23.81 4.74
CA ARG B 219 -35.36 25.05 4.24
CA ARG B 219 -35.33 25.06 4.27
C ARG B 219 -36.71 25.33 4.89
N GLU B 220 -37.54 24.30 5.05
CA GLU B 220 -38.87 24.52 5.63
C GLU B 220 -38.80 24.86 7.13
N SER B 221 -37.67 24.54 7.75
CA SER B 221 -37.44 24.89 9.15
C SER B 221 -36.68 26.20 9.27
N GLY B 222 -36.54 26.90 8.15
CA GLY B 222 -35.83 28.17 8.12
C GLY B 222 -34.30 28.14 8.15
N ILE B 223 -33.72 27.01 7.73
CA ILE B 223 -32.27 26.86 7.69
C ILE B 223 -31.83 26.70 6.24
N ALA B 224 -31.04 27.65 5.79
CA ALA B 224 -30.50 27.61 4.44
C ALA B 224 -29.53 26.43 4.30
N CYS B 225 -29.60 25.79 3.15
CA CYS B 225 -28.79 24.65 2.84
C CYS B 225 -28.06 24.96 1.53
N ASP B 226 -26.96 25.73 1.61
CA ASP B 226 -26.38 26.30 0.41
C ASP B 226 -25.53 25.35 -0.40
N THR B 227 -24.88 24.39 0.27
CA THR B 227 -24.02 23.44 -0.42
C THR B 227 -24.59 22.04 -0.26
N ILE B 228 -24.65 21.30 -1.35
CA ILE B 228 -24.86 19.85 -1.30
C ILE B 228 -23.74 19.28 -2.12
N THR B 229 -22.85 18.58 -1.44
CA THR B 229 -21.61 18.18 -2.07
C THR B 229 -21.45 16.68 -2.04
N GLY B 230 -20.80 16.14 -3.07
CA GLY B 230 -20.65 14.70 -3.12
C GLY B 230 -20.29 14.36 -4.55
N GLY B 231 -20.56 13.12 -4.95
CA GLY B 231 -20.21 12.71 -6.29
C GLY B 231 -18.80 12.18 -6.40
N GLY B 232 -18.65 11.20 -7.28
CA GLY B 232 -17.35 10.67 -7.59
C GLY B 232 -17.19 10.52 -9.09
N THR B 233 -16.07 9.97 -9.52
CA THR B 233 -15.78 9.91 -10.93
C THR B 233 -16.84 9.14 -11.74
N GLY B 234 -17.39 8.08 -11.15
CA GLY B 234 -18.45 7.34 -11.81
C GLY B 234 -19.84 7.98 -11.83
N SER B 235 -20.11 8.91 -10.93
CA SER B 235 -21.46 9.45 -10.81
C SER B 235 -21.57 10.90 -11.25
N VAL B 236 -20.48 11.60 -11.47
CA VAL B 236 -20.61 13.05 -11.69
C VAL B 236 -21.32 13.37 -13.00
N GLU B 237 -21.31 12.46 -13.97
CA GLU B 237 -22.12 12.59 -15.17
C GLU B 237 -23.59 12.88 -14.81
N PHE B 238 -24.06 12.23 -13.74
CA PHE B 238 -25.44 12.36 -13.34
C PHE B 238 -25.58 13.41 -12.25
N ASP B 239 -24.67 13.42 -11.26
CA ASP B 239 -24.79 14.36 -10.14
C ASP B 239 -24.74 15.82 -10.61
N ALA B 240 -23.92 16.10 -11.62
CA ALA B 240 -23.80 17.49 -12.09
C ALA B 240 -25.11 18.00 -12.66
N ALA B 241 -25.88 17.09 -13.27
CA ALA B 241 -27.12 17.43 -13.94
C ALA B 241 -28.37 17.31 -13.04
N SER B 242 -28.18 16.88 -11.81
CA SER B 242 -29.29 16.56 -10.91
C SER B 242 -30.14 17.77 -10.54
N GLY B 243 -29.51 18.94 -10.52
CA GLY B 243 -30.18 20.13 -10.00
C GLY B 243 -30.24 20.09 -8.48
N VAL B 244 -29.48 19.18 -7.86
CA VAL B 244 -29.46 19.04 -6.41
C VAL B 244 -28.05 19.28 -5.88
N TYR B 245 -27.08 18.50 -6.34
CA TYR B 245 -25.68 18.77 -6.01
C TYR B 245 -25.22 20.14 -6.49
N THR B 246 -24.45 20.82 -5.64
CA THR B 246 -23.89 22.12 -5.98
C THR B 246 -22.37 22.06 -6.17
N GLU B 247 -21.79 20.95 -5.73
CA GLU B 247 -20.34 20.78 -5.72
C GLU B 247 -20.04 19.30 -5.94
N LEU B 248 -19.06 19.03 -6.81
CA LEU B 248 -18.64 17.66 -7.16
C LEU B 248 -17.28 17.36 -6.56
N GLN B 249 -17.11 16.15 -6.04
CA GLN B 249 -15.87 15.76 -5.36
C GLN B 249 -15.06 14.68 -6.08
N ALA B 250 -15.21 14.55 -7.38
CA ALA B 250 -14.45 13.50 -8.11
C ALA B 250 -12.94 13.63 -7.91
N GLY B 251 -12.24 12.48 -7.86
CA GLY B 251 -10.80 12.43 -7.62
C GLY B 251 -10.07 11.57 -8.64
N SER B 252 -10.56 10.37 -8.90
CA SER B 252 -9.83 9.42 -9.75
C SER B 252 -9.81 9.79 -11.23
N TYR B 253 -10.75 10.61 -11.66
CA TYR B 253 -10.93 10.98 -13.05
C TYR B 253 -9.65 11.44 -13.73
N ALA B 254 -8.75 12.08 -12.98
CA ALA B 254 -7.55 12.65 -13.62
C ALA B 254 -6.62 11.57 -14.13
N PHE B 255 -6.77 10.37 -13.58
CA PHE B 255 -5.83 9.25 -13.75
C PHE B 255 -6.41 8.04 -14.42
N MET B 256 -7.56 7.61 -13.92
CA MET B 256 -8.22 6.35 -14.24
C MET B 256 -7.40 5.14 -13.82
N ASP B 257 -8.09 4.00 -13.74
CA ASP B 257 -7.48 2.74 -13.32
C ASP B 257 -8.29 1.62 -13.99
N SER B 258 -7.91 0.37 -13.81
CA SER B 258 -8.60 -0.67 -14.57
CA SER B 258 -8.58 -0.72 -14.50
C SER B 258 -10.01 -0.95 -14.00
N ASP B 259 -10.26 -0.67 -12.71
CA ASP B 259 -11.59 -0.90 -12.14
C ASP B 259 -12.56 0.13 -12.75
N TYR B 260 -12.21 1.42 -12.70
CA TYR B 260 -13.06 2.41 -13.38
C TYR B 260 -13.12 2.15 -14.87
N GLY B 261 -12.03 1.63 -15.43
CA GLY B 261 -11.98 1.34 -16.87
C GLY B 261 -13.02 0.32 -17.28
N ALA B 262 -13.46 -0.52 -16.34
CA ALA B 262 -14.46 -1.55 -16.63
C ALA B 262 -15.89 -0.99 -16.68
N ASN B 263 -16.09 0.25 -16.22
CA ASN B 263 -17.40 0.88 -16.39
C ASN B 263 -17.69 1.13 -17.86
N GLU B 264 -18.98 1.21 -18.18
CA GLU B 264 -19.44 1.74 -19.45
C GLU B 264 -19.35 3.27 -19.45
N TRP B 265 -18.71 3.85 -20.46
CA TRP B 265 -18.50 5.29 -20.51
C TRP B 265 -19.00 5.89 -21.83
N ASN B 266 -20.17 5.43 -22.27
CA ASN B 266 -20.64 5.79 -23.61
C ASN B 266 -21.50 7.05 -23.61
N GLY B 267 -21.37 7.86 -22.57
CA GLY B 267 -22.12 9.09 -22.51
C GLY B 267 -21.27 10.32 -22.79
N PRO B 268 -21.57 11.42 -22.12
CA PRO B 268 -20.97 12.71 -22.49
C PRO B 268 -19.65 12.99 -21.85
N LEU B 269 -19.24 12.12 -20.93
CA LEU B 269 -18.10 12.40 -20.12
C LEU B 269 -17.25 11.15 -20.06
N LYS B 270 -16.00 11.27 -20.49
CA LYS B 270 -15.09 10.13 -20.58
C LYS B 270 -13.68 10.59 -20.23
N PHE B 271 -12.88 9.72 -19.63
CA PHE B 271 -11.52 10.04 -19.23
C PHE B 271 -10.48 9.06 -19.77
N GLN B 272 -9.29 9.59 -20.07
CA GLN B 272 -8.17 8.83 -20.61
C GLN B 272 -7.33 8.20 -19.51
N ASN B 273 -6.66 7.07 -19.78
CA ASN B 273 -5.66 6.60 -18.82
C ASN B 273 -4.47 7.53 -18.80
N SER B 274 -4.10 8.01 -17.63
CA SER B 274 -2.89 8.83 -17.54
C SER B 274 -1.90 8.31 -16.54
N LEU B 275 -2.26 7.27 -15.78
CA LEU B 275 -1.45 6.77 -14.68
C LEU B 275 -1.00 5.34 -14.92
N PHE B 276 0.29 5.12 -14.83
CA PHE B 276 0.86 3.80 -15.10
C PHE B 276 1.90 3.44 -14.09
N VAL B 277 2.12 2.14 -13.90
CA VAL B 277 3.28 1.62 -13.20
C VAL B 277 4.20 1.01 -14.23
N LEU B 278 5.41 1.55 -14.27
CA LEU B 278 6.44 1.06 -15.19
C LEU B 278 7.14 -0.13 -14.55
N SER B 279 7.29 -1.22 -15.30
CA SER B 279 7.89 -2.44 -14.74
C SER B 279 8.79 -3.13 -15.75
N THR B 280 9.82 -3.81 -15.24
CA THR B 280 10.79 -4.50 -16.07
C THR B 280 10.58 -6.00 -16.01
N VAL B 281 10.72 -6.67 -17.16
CA VAL B 281 10.76 -8.14 -17.20
C VAL B 281 12.05 -8.65 -16.57
N MET B 282 11.96 -9.37 -15.47
CA MET B 282 13.22 -9.77 -14.79
C MET B 282 13.43 -11.28 -14.74
N SER B 283 12.54 -12.05 -15.34
CA SER B 283 12.78 -13.48 -15.51
C SER B 283 11.93 -13.98 -16.66
N THR B 284 12.50 -14.87 -17.44
CA THR B 284 11.81 -15.52 -18.54
C THR B 284 12.01 -17.03 -18.36
N PRO B 285 11.37 -17.61 -17.33
CA PRO B 285 11.79 -18.91 -16.81
C PRO B 285 11.25 -20.14 -17.56
N ALA B 286 10.18 -19.95 -18.31
CA ALA B 286 9.53 -21.07 -19.00
C ALA B 286 8.66 -20.49 -20.11
N PRO B 287 8.42 -21.29 -21.15
N PRO B 287 8.38 -21.28 -21.16
CA PRO B 287 7.47 -20.89 -22.17
CA PRO B 287 7.70 -20.71 -22.33
C PRO B 287 6.12 -20.62 -21.53
C PRO B 287 6.41 -19.91 -22.06
N GLY B 288 5.51 -19.50 -21.92
N GLY B 288 5.62 -20.30 -21.07
CA GLY B 288 4.19 -19.19 -21.44
CA GLY B 288 4.30 -19.74 -20.93
C GLY B 288 4.16 -18.17 -20.32
C GLY B 288 4.17 -18.50 -20.05
N ARG B 289 5.29 -17.91 -19.67
CA ARG B 289 5.26 -16.85 -18.68
C ARG B 289 6.54 -16.04 -18.57
N VAL B 290 6.36 -14.80 -18.15
CA VAL B 290 7.47 -13.94 -17.78
C VAL B 290 7.15 -13.32 -16.43
N ILE B 291 8.19 -12.86 -15.73
CA ILE B 291 7.99 -12.28 -14.41
C ILE B 291 8.42 -10.83 -14.41
N LEU B 292 7.54 -9.98 -13.91
CA LEU B 292 7.81 -8.54 -13.79
CA LEU B 292 7.83 -8.55 -13.81
C LEU B 292 8.27 -8.17 -12.41
N ASP B 293 8.97 -7.04 -12.30
CA ASP B 293 9.44 -6.57 -10.99
C ASP B 293 8.50 -5.69 -10.17
N ALA B 294 7.26 -5.57 -10.64
CA ALA B 294 6.25 -4.79 -9.93
C ALA B 294 5.19 -5.71 -9.37
N GLY B 295 5.09 -5.73 -8.05
CA GLY B 295 4.06 -6.48 -7.35
C GLY B 295 3.30 -5.59 -6.38
N LEU B 296 2.89 -6.19 -5.26
CA LEU B 296 2.06 -5.52 -4.27
C LEU B 296 2.70 -4.30 -3.65
N LYS B 297 4.01 -4.25 -3.59
CA LYS B 297 4.66 -3.13 -2.95
C LYS B 297 4.63 -1.91 -3.87
N SER B 298 4.26 -2.09 -5.15
CA SER B 298 4.22 -1.00 -6.13
C SER B 298 2.82 -0.68 -6.64
N THR B 299 1.90 -1.63 -6.50
CA THR B 299 0.51 -1.36 -6.87
C THR B 299 -0.38 -2.31 -6.08
N THR B 300 -1.55 -1.88 -5.65
CA THR B 300 -2.34 -2.69 -4.75
CA THR B 300 -2.31 -2.71 -4.74
C THR B 300 -3.24 -3.65 -5.52
N ALA B 301 -3.81 -4.62 -4.82
CA ALA B 301 -4.58 -5.65 -5.50
C ALA B 301 -5.86 -6.06 -4.78
N GLU B 302 -6.38 -5.17 -3.94
CA GLU B 302 -7.69 -5.45 -3.32
C GLU B 302 -8.77 -5.53 -4.41
N CYS B 303 -8.54 -4.87 -5.53
CA CYS B 303 -9.47 -4.92 -6.66
C CYS B 303 -8.94 -5.78 -7.80
N GLY B 304 -7.99 -6.64 -7.51
CA GLY B 304 -7.41 -7.47 -8.55
C GLY B 304 -6.07 -6.95 -9.00
N PRO B 305 -5.39 -7.73 -9.87
CA PRO B 305 -4.08 -7.35 -10.36
C PRO B 305 -4.14 -6.18 -11.34
N PRO B 306 -3.01 -5.52 -11.57
CA PRO B 306 -2.94 -4.51 -12.62
C PRO B 306 -3.12 -5.16 -13.98
N ALA B 307 -3.34 -4.32 -14.99
CA ALA B 307 -3.46 -4.78 -16.37
C ALA B 307 -2.25 -4.35 -17.19
N VAL B 308 -1.79 -5.21 -18.09
CA VAL B 308 -0.71 -4.81 -18.97
C VAL B 308 -1.31 -3.89 -20.05
N TYR B 309 -0.71 -2.72 -20.21
CA TYR B 309 -1.21 -1.73 -21.13
C TYR B 309 -0.65 -1.89 -22.53
N GLY B 310 -1.52 -1.97 -23.52
CA GLY B 310 -1.12 -2.00 -24.91
C GLY B 310 -0.46 -3.29 -25.37
N GLU B 311 -0.74 -4.38 -24.65
CA GLU B 311 -0.15 -5.69 -24.98
C GLU B 311 -1.21 -6.77 -24.93
N PRO B 312 -1.97 -6.91 -26.03
N PRO B 312 -1.89 -7.01 -26.07
CA PRO B 312 -2.85 -8.07 -26.15
CA PRO B 312 -3.05 -7.92 -26.14
C PRO B 312 -2.01 -9.33 -26.14
C PRO B 312 -2.82 -9.32 -25.55
N GLY B 313 -2.47 -10.35 -25.44
N GLY B 313 -1.70 -9.95 -25.90
CA GLY B 313 -1.70 -11.58 -25.33
CA GLY B 313 -1.46 -11.32 -25.53
C GLY B 313 -0.94 -11.67 -24.02
C GLY B 313 -0.71 -11.56 -24.22
N LEU B 314 -0.68 -10.54 -23.36
CA LEU B 314 0.00 -10.61 -22.06
C LEU B 314 -0.99 -10.38 -20.96
N THR B 315 -1.05 -11.30 -20.00
CA THR B 315 -2.03 -11.17 -18.95
C THR B 315 -1.37 -11.22 -17.61
N TYR B 316 -1.46 -10.12 -16.90
CA TYR B 316 -0.87 -10.11 -15.60
C TYR B 316 -1.79 -10.96 -14.72
N ALA B 317 -1.25 -12.07 -14.24
CA ALA B 317 -1.97 -13.01 -13.37
C ALA B 317 -1.55 -12.85 -11.90
N ALA B 318 -0.85 -13.84 -11.32
CA ALA B 318 -0.56 -13.79 -9.90
C ALA B 318 0.28 -12.55 -9.55
N ILE B 319 0.00 -11.95 -8.40
CA ILE B 319 0.78 -10.82 -7.90
C ILE B 319 1.34 -11.22 -6.55
N ASN B 320 2.63 -11.01 -6.36
CA ASN B 320 3.27 -11.26 -5.06
C ASN B 320 3.85 -9.94 -4.62
N ASP B 321 4.58 -9.93 -3.50
CA ASP B 321 5.21 -8.73 -2.91
C ASP B 321 5.93 -7.86 -3.92
N GLU B 322 6.85 -8.49 -4.66
CA GLU B 322 7.81 -7.79 -5.49
C GLU B 322 7.90 -8.43 -6.86
N HIS B 323 6.90 -9.25 -7.19
CA HIS B 323 6.86 -9.98 -8.50
C HIS B 323 5.47 -9.97 -9.07
N GLY B 324 5.37 -9.89 -10.39
CA GLY B 324 4.11 -10.11 -11.07
C GLY B 324 4.30 -11.23 -12.06
N VAL B 325 3.40 -12.20 -12.06
CA VAL B 325 3.49 -13.29 -13.01
C VAL B 325 2.64 -12.94 -14.22
N VAL B 326 3.25 -12.88 -15.39
CA VAL B 326 2.54 -12.55 -16.60
C VAL B 326 2.43 -13.76 -17.49
N ARG B 327 1.21 -14.14 -17.83
CA ARG B 327 0.99 -15.24 -18.75
C ARG B 327 1.05 -14.73 -20.18
N VAL B 328 1.80 -15.45 -21.02
CA VAL B 328 1.90 -15.15 -22.44
C VAL B 328 0.91 -16.05 -23.18
N GLU B 329 -0.18 -15.49 -23.69
CA GLU B 329 -1.19 -16.31 -24.35
C GLU B 329 -0.59 -16.96 -25.60
N PRO B 330 -1.11 -18.16 -25.97
CA PRO B 330 -0.60 -18.84 -27.16
C PRO B 330 -0.73 -17.96 -28.41
N GLY B 331 0.35 -17.81 -29.17
CA GLY B 331 0.33 -16.95 -30.33
C GLY B 331 0.99 -15.60 -30.09
N ALA B 332 0.92 -15.13 -28.85
CA ALA B 332 1.51 -13.85 -28.47
C ALA B 332 3.03 -13.97 -28.35
N GLN B 333 3.73 -12.86 -28.61
CA GLN B 333 5.18 -12.83 -28.46
C GLN B 333 5.54 -12.54 -27.00
N ALA B 334 6.39 -13.36 -26.40
CA ALA B 334 6.86 -13.11 -25.04
C ALA B 334 7.83 -11.92 -25.03
N PRO B 335 7.68 -11.02 -24.07
CA PRO B 335 8.63 -9.90 -23.99
C PRO B 335 10.02 -10.42 -23.60
N ALA B 336 11.05 -9.71 -24.03
CA ALA B 336 12.41 -10.13 -23.74
C ALA B 336 12.83 -9.77 -22.31
N LEU B 337 13.89 -10.42 -21.84
CA LEU B 337 14.47 -10.08 -20.55
C LEU B 337 14.86 -8.60 -20.58
N GLY B 338 14.46 -7.85 -19.56
CA GLY B 338 14.83 -6.45 -19.46
C GLY B 338 13.88 -5.50 -20.17
N ALA B 339 12.90 -6.05 -20.89
CA ALA B 339 11.88 -5.20 -21.52
C ALA B 339 11.09 -4.46 -20.46
N VAL B 340 10.68 -3.25 -20.81
CA VAL B 340 9.96 -2.38 -19.89
C VAL B 340 8.52 -2.27 -20.39
N LEU B 341 7.59 -2.57 -19.47
CA LEU B 341 6.15 -2.58 -19.77
C LEU B 341 5.40 -1.55 -18.92
N ARG B 342 4.31 -1.03 -19.47
CA ARG B 342 3.43 -0.14 -18.69
CA ARG B 342 3.45 -0.16 -18.68
C ARG B 342 2.25 -0.95 -18.15
N LEU B 343 1.94 -0.76 -16.88
CA LEU B 343 0.83 -1.41 -16.23
C LEU B 343 -0.19 -0.34 -15.80
N VAL B 344 -1.47 -0.65 -15.98
CA VAL B 344 -2.53 0.21 -15.44
C VAL B 344 -2.91 -0.37 -14.09
N PRO B 345 -2.80 0.42 -13.01
CA PRO B 345 -3.17 -0.11 -11.69
C PRO B 345 -4.66 -0.41 -11.63
N SER B 346 -5.08 -1.34 -10.78
CA SER B 346 -6.51 -1.61 -10.65
C SER B 346 -7.23 -0.53 -9.83
N HIS B 347 -6.51 0.21 -8.99
CA HIS B 347 -7.14 1.20 -8.12
C HIS B 347 -6.21 2.39 -7.87
N VAL B 348 -6.59 3.58 -8.36
CA VAL B 348 -5.76 4.77 -8.27
C VAL B 348 -5.24 5.11 -6.88
N ASP B 349 -6.13 5.34 -5.91
CA ASP B 349 -5.68 6.01 -4.70
C ASP B 349 -4.71 5.16 -3.86
N PRO B 350 -5.05 3.86 -3.63
CA PRO B 350 -4.10 3.09 -2.81
C PRO B 350 -2.76 2.90 -3.52
N THR B 351 -2.74 2.90 -4.86
CA THR B 351 -1.47 2.82 -5.57
C THR B 351 -0.63 4.09 -5.39
N PHE B 352 -1.26 5.26 -5.50
CA PHE B 352 -0.53 6.49 -5.26
C PHE B 352 0.11 6.48 -3.87
N ASN B 353 -0.63 5.96 -2.90
CA ASN B 353 -0.16 5.96 -1.53
C ASN B 353 1.04 5.00 -1.28
N LEU B 354 1.48 4.27 -2.29
CA LEU B 354 2.68 3.43 -2.15
C LEU B 354 3.95 4.17 -2.52
N HIS B 355 3.82 5.33 -3.17
CA HIS B 355 4.97 5.99 -3.79
C HIS B 355 5.27 7.35 -3.20
N ASP B 356 6.54 7.74 -3.24
CA ASP B 356 6.95 9.06 -2.78
C ASP B 356 7.09 10.08 -3.92
N GLY B 357 7.27 9.60 -5.14
CA GLY B 357 7.44 10.46 -6.30
C GLY B 357 6.70 9.94 -7.51
N LEU B 358 6.26 10.89 -8.32
CA LEU B 358 5.53 10.64 -9.56
C LEU B 358 6.36 11.11 -10.76
N VAL B 359 6.72 10.18 -11.64
CA VAL B 359 7.51 10.53 -12.82
C VAL B 359 6.58 11.04 -13.90
N VAL B 360 6.78 12.28 -14.31
CA VAL B 360 5.90 12.95 -15.26
C VAL B 360 6.51 12.91 -16.65
N VAL B 361 5.76 12.38 -17.61
CA VAL B 361 6.29 12.20 -18.96
CA VAL B 361 6.24 12.11 -18.97
C VAL B 361 5.39 12.82 -20.01
N LYS B 362 6.03 13.25 -21.10
CA LYS B 362 5.34 13.78 -22.26
C LYS B 362 6.10 13.33 -23.50
N ASP B 363 5.38 12.78 -24.47
CA ASP B 363 6.02 12.34 -25.72
C ASP B 363 7.12 11.32 -25.44
N GLY B 364 6.94 10.53 -24.39
CA GLY B 364 7.89 9.46 -24.11
C GLY B 364 9.16 9.93 -23.42
N VAL B 365 9.18 11.19 -22.99
CA VAL B 365 10.34 11.79 -22.35
C VAL B 365 9.99 12.33 -20.95
N VAL B 366 10.85 12.06 -19.97
CA VAL B 366 10.62 12.55 -18.61
C VAL B 366 10.71 14.07 -18.55
N GLN B 367 9.68 14.69 -17.97
CA GLN B 367 9.61 16.15 -17.81
C GLN B 367 10.06 16.59 -16.43
N ASP B 368 9.69 15.81 -15.41
CA ASP B 368 9.83 16.23 -14.03
C ASP B 368 9.48 15.04 -13.14
N VAL B 369 9.73 15.17 -11.83
CA VAL B 369 9.27 14.22 -10.85
C VAL B 369 8.56 15.04 -9.78
N TRP B 370 7.28 14.74 -9.53
CA TRP B 370 6.52 15.49 -8.54
C TRP B 370 6.46 14.73 -7.22
N GLU B 371 6.47 15.46 -6.13
CA GLU B 371 6.46 14.84 -4.81
C GLU B 371 5.05 14.45 -4.37
N ILE B 372 4.87 13.19 -3.99
CA ILE B 372 3.59 12.75 -3.42
C ILE B 372 3.68 13.07 -1.93
N ALA B 373 3.56 14.36 -1.62
CA ALA B 373 3.96 14.85 -0.31
C ALA B 373 3.03 14.43 0.81
N ALA B 374 1.81 14.04 0.48
CA ALA B 374 0.90 13.60 1.52
C ALA B 374 0.85 12.05 1.63
N ARG B 375 1.80 11.35 1.00
CA ARG B 375 1.84 9.89 1.13
C ARG B 375 1.93 9.47 2.60
N GLY B 376 1.07 8.54 2.97
CA GLY B 376 1.05 7.99 4.33
C GLY B 376 0.46 8.87 5.43
N PHE B 377 -0.08 10.03 5.06
CA PHE B 377 -0.75 10.92 6.00
C PHE B 377 -2.22 10.49 6.11
N SER B 378 -2.52 9.63 7.07
CA SER B 378 -3.90 9.16 7.29
C SER B 378 -4.43 9.50 8.68
N ARG B 379 -3.64 10.22 9.48
CA ARG B 379 -4.13 10.68 10.78
C ARG B 379 -5.06 11.88 10.65
N1 PLP C . 12.26 -15.89 0.85
C2 PLP C . 11.68 -15.45 -0.31
C2A PLP C . 12.44 -15.68 -1.60
C3 PLP C . 10.47 -14.79 -0.31
O3 PLP C . 9.94 -14.38 -1.34
C4 PLP C . 9.84 -14.59 0.92
C4A PLP C . 8.53 -13.89 0.90
C5 PLP C . 10.43 -15.05 2.11
C6 PLP C . 11.64 -15.71 2.06
C5A PLP C . 9.78 -14.88 3.46
O4P PLP C . 8.51 -15.56 3.60
P PLP C . 7.53 -15.39 4.86
O1P PLP C . 8.33 -15.80 6.02
O2P PLP C . 7.09 -13.96 4.88
O3P PLP C . 6.44 -16.32 4.52
N1 PLP D . 12.26 -15.98 0.78
C2 PLP D . 11.79 -15.34 -0.34
C2A PLP D . 12.71 -15.12 -1.51
C3 PLP D . 10.49 -14.87 -0.39
O3 PLP D . 10.03 -14.22 -1.52
C4 PLP D . 9.64 -15.06 0.69
C4A PLP D . 8.24 -14.53 0.54
O4A PLP D . 7.27 -15.14 0.98
C5 PLP D . 10.12 -15.72 1.83
C6 PLP D . 11.43 -16.18 1.86
C5A PLP D . 9.30 -16.02 3.07
O4P PLP D . 8.73 -14.85 3.58
P PLP D . 7.74 -14.98 4.83
O1P PLP D . 6.44 -15.55 4.31
O2P PLP D . 7.57 -13.59 5.38
O3P PLP D . 8.28 -15.92 5.87
MN MN E . 4.07 -11.99 2.68
NA NA F . 34.06 -16.87 -10.64
N1 PLP G . -15.84 11.75 -1.99
C2 PLP G . -15.64 10.86 -0.97
C2A PLP G . -16.37 11.08 0.32
C3 PLP G . -14.77 9.79 -1.14
O3 PLP G . -14.58 9.00 -0.21
C4 PLP G . -14.09 9.65 -2.35
C4A PLP G . -13.15 8.50 -2.56
C5 PLP G . -14.32 10.57 -3.38
C6 PLP G . -15.19 11.60 -3.19
C5A PLP G . -13.64 10.42 -4.71
O4P PLP G . -14.23 9.41 -5.57
P PLP G . -13.59 8.95 -6.98
O1P PLP G . -13.60 10.14 -7.87
O2P PLP G . -12.24 8.47 -6.64
O3P PLP G . -14.51 7.90 -7.43
N1 PLP H . -15.97 12.07 -2.14
C2 PLP H . -15.73 11.22 -1.08
C2A PLP H . -16.10 11.69 0.30
C3 PLP H . -15.20 9.96 -1.29
O3 PLP H . -14.98 9.14 -0.22
C4 PLP H . -14.86 9.53 -2.58
C4A PLP H . -14.28 8.17 -2.76
O4A PLP H . -14.97 7.21 -3.11
C5 PLP H . -15.11 10.42 -3.65
C6 PLP H . -15.65 11.66 -3.43
C5A PLP H . -14.83 10.15 -5.11
O4P PLP H . -13.66 9.45 -5.33
P PLP H . -13.30 8.96 -6.82
O1P PLP H . -11.79 8.87 -6.88
O2P PLP H . -13.80 9.90 -7.88
O3P PLP H . -13.98 7.63 -7.01
MN MN I . -10.73 4.86 -5.03
NA NA J . -22.76 28.79 14.62
#